data_3BP1
#
_entry.id   3BP1
#
_cell.length_a   71.517
_cell.length_b   71.578
_cell.length_c   71.511
_cell.angle_alpha   119.25
_cell.angle_beta   110.18
_cell.angle_gamma   99.58
#
_symmetry.space_group_name_H-M   'P 1'
#
loop_
_entity.id
_entity.type
_entity.pdbx_description
1 polymer 'NADPH-dependent 7-cyano-7-deazaguanine reductase'
2 non-polymer 'PHOSPHATE ION'
3 non-polymer 'MAGNESIUM ION'
4 non-polymer GUANINE
5 non-polymer 'PYROPHOSPHATE 2-'
6 water water
#
_entity_poly.entity_id   1
_entity_poly.type   'polypeptide(L)'
_entity_poly.pdbx_seq_one_letter_code
;SNA(MSE)NRLKN(MSE)SKYSDAKELASLTLGKKTEYANQYDPSLLQPVPRSLNRNDLHLSATLPFQGCDIWTLYELSW
LNQKGLPQVAIGEVSIPATSANLIESKSFKLYLNSYNQTRFASWDEVQTRLVHDLSACAGETVTVNVKSLNEYTAEPIVT
(MSE)QGECIDDQDIEIANYEFDDALLQGAAQGEEVSEVLHSHLLKSNCLITNQPDWGSVEIAYHGAK(MSE)NREALLR
YLVSFREHNEFHEQCVERIFTDI(MSE)RYCQPQSLTVYARYTRRGGLDINPFRSSHQSAPNHNQR(MSE)ARQ
;
_entity_poly.pdbx_strand_id   A,B,C,D
#
# COMPACT_ATOMS: atom_id res chain seq x y z
N TYR A 30 30.03 16.58 -19.84
CA TYR A 30 28.98 16.16 -20.81
C TYR A 30 28.84 14.65 -20.90
N ALA A 31 27.69 14.15 -20.46
CA ALA A 31 27.30 12.76 -20.67
C ALA A 31 27.37 12.48 -22.16
N ASN A 32 27.72 11.24 -22.50
N ASN A 32 27.85 11.29 -22.53
CA ASN A 32 27.79 10.87 -23.90
CA ASN A 32 27.80 10.94 -23.94
C ASN A 32 26.39 10.53 -24.45
C ASN A 32 26.34 10.77 -24.33
N GLN A 33 26.04 11.19 -25.55
CA GLN A 33 24.70 11.09 -26.10
C GLN A 33 24.61 9.93 -27.07
N TYR A 34 23.45 9.81 -27.73
CA TYR A 34 23.11 8.64 -28.57
C TYR A 34 24.33 8.11 -29.32
N ASP A 35 24.64 6.82 -29.14
CA ASP A 35 25.80 6.25 -29.81
C ASP A 35 25.55 4.78 -30.12
N PRO A 36 25.00 4.51 -31.30
CA PRO A 36 24.74 3.11 -31.67
C PRO A 36 26.02 2.27 -31.82
N SER A 37 27.18 2.91 -31.94
CA SER A 37 28.44 2.12 -32.03
C SER A 37 28.80 1.40 -30.70
N LEU A 38 28.11 1.75 -29.61
CA LEU A 38 28.35 1.10 -28.32
C LEU A 38 27.88 -0.36 -28.34
N LEU A 39 26.90 -0.67 -29.18
CA LEU A 39 26.37 -2.06 -29.21
C LEU A 39 27.43 -3.03 -29.68
N GLN A 40 27.45 -4.20 -29.05
N GLN A 40 27.55 -4.18 -29.03
CA GLN A 40 28.45 -5.24 -29.32
CA GLN A 40 28.58 -5.12 -29.47
C GLN A 40 27.73 -6.51 -29.76
C GLN A 40 27.90 -6.47 -29.75
N PRO A 41 27.82 -6.85 -31.05
CA PRO A 41 27.29 -8.16 -31.48
C PRO A 41 28.23 -9.29 -31.03
N VAL A 42 27.69 -10.47 -30.73
CA VAL A 42 28.48 -11.68 -30.55
C VAL A 42 27.84 -12.76 -31.42
N PRO A 43 28.60 -13.34 -32.37
CA PRO A 43 27.97 -14.36 -33.24
C PRO A 43 27.48 -15.55 -32.42
N ARG A 44 26.27 -15.99 -32.69
CA ARG A 44 25.72 -17.13 -31.94
C ARG A 44 26.50 -18.40 -32.22
N SER A 45 27.09 -18.49 -33.42
CA SER A 45 27.83 -19.70 -33.81
C SER A 45 29.07 -19.90 -32.92
N LEU A 46 29.58 -18.81 -32.38
CA LEU A 46 30.77 -18.88 -31.53
C LEU A 46 30.61 -19.89 -30.37
N ASN A 47 29.54 -19.74 -29.59
N ASN A 47 29.55 -19.76 -29.58
CA ASN A 47 29.27 -20.72 -28.51
CA ASN A 47 29.34 -20.74 -28.51
C ASN A 47 28.65 -22.00 -29.01
C ASN A 47 28.43 -21.92 -28.85
N ARG A 48 27.82 -21.91 -30.04
CA ARG A 48 27.13 -23.09 -30.53
C ARG A 48 28.09 -24.17 -31.00
N ASN A 49 29.28 -23.73 -31.42
N ASN A 49 29.30 -23.78 -31.38
CA ASN A 49 30.42 -24.58 -31.76
CA ASN A 49 30.29 -24.74 -31.83
C ASN A 49 30.63 -25.69 -30.73
C ASN A 49 30.71 -25.73 -30.73
N ASP A 50 30.74 -25.25 -29.49
CA ASP A 50 31.05 -26.10 -28.35
C ASP A 50 29.94 -27.10 -28.00
N LEU A 51 28.75 -26.90 -28.58
CA LEU A 51 27.59 -27.79 -28.41
C LEU A 51 27.47 -28.82 -29.54
N HIS A 52 28.35 -28.72 -30.54
CA HIS A 52 28.39 -29.65 -31.68
C HIS A 52 27.02 -29.91 -32.34
N LEU A 53 26.34 -28.85 -32.74
CA LEU A 53 24.98 -28.97 -33.30
C LEU A 53 24.96 -29.53 -34.73
N SER A 54 23.78 -29.84 -35.24
CA SER A 54 23.62 -30.29 -36.63
C SER A 54 23.83 -29.12 -37.59
N ALA A 55 23.57 -29.34 -38.88
CA ALA A 55 23.63 -28.28 -39.88
C ALA A 55 22.55 -27.26 -39.58
N THR A 56 21.33 -27.77 -39.42
CA THR A 56 20.22 -26.92 -38.99
C THR A 56 20.12 -26.93 -37.45
N LEU A 57 19.61 -25.85 -36.88
CA LEU A 57 19.40 -25.80 -35.45
C LEU A 57 18.34 -26.81 -35.03
N PRO A 58 18.53 -27.49 -33.89
CA PRO A 58 17.53 -28.38 -33.31
C PRO A 58 16.43 -27.62 -32.53
N PHE A 59 16.52 -26.30 -32.50
CA PHE A 59 15.51 -25.54 -31.76
C PHE A 59 15.17 -24.27 -32.51
N GLN A 60 14.05 -23.69 -32.12
CA GLN A 60 13.67 -22.35 -32.52
C GLN A 60 13.40 -21.58 -31.23
N GLY A 61 13.08 -20.29 -31.37
CA GLY A 61 12.78 -19.49 -30.16
C GLY A 61 13.34 -18.09 -30.27
N CYS A 62 13.54 -17.47 -29.10
CA CYS A 62 13.88 -16.06 -29.06
C CYS A 62 14.50 -15.73 -27.72
N ASP A 63 15.17 -14.59 -27.66
CA ASP A 63 15.67 -14.02 -26.42
C ASP A 63 14.81 -12.81 -26.15
N ILE A 64 14.04 -12.85 -25.07
N ILE A 64 14.13 -12.86 -25.02
CA ILE A 64 13.23 -11.70 -24.71
CA ILE A 64 13.23 -11.79 -24.61
C ILE A 64 13.99 -10.94 -23.63
C ILE A 64 13.99 -10.95 -23.59
N TRP A 65 14.13 -9.65 -23.85
CA TRP A 65 14.85 -8.78 -22.93
C TRP A 65 13.87 -7.78 -22.32
N THR A 66 14.05 -7.48 -21.03
CA THR A 66 13.27 -6.39 -20.45
C THR A 66 14.22 -5.24 -20.11
N LEU A 67 13.88 -4.03 -20.58
CA LEU A 67 14.74 -2.85 -20.41
C LEU A 67 14.08 -1.97 -19.36
N TYR A 68 14.46 -2.14 -18.11
CA TYR A 68 13.75 -1.40 -17.05
C TYR A 68 14.15 0.03 -16.86
N GLU A 69 15.17 0.52 -17.55
N GLU A 69 15.34 0.35 -17.44
CA GLU A 69 15.57 1.89 -17.22
CA GLU A 69 16.07 1.64 -17.35
C GLU A 69 15.63 2.80 -18.45
C GLU A 69 16.18 2.24 -18.76
N LEU A 70 14.83 2.47 -19.45
N LEU A 70 15.05 2.72 -19.23
CA LEU A 70 14.79 3.27 -20.66
CA LEU A 70 14.93 3.27 -20.57
C LEU A 70 14.39 4.71 -20.32
C LEU A 70 14.38 4.68 -20.39
N SER A 71 15.21 5.68 -20.72
CA SER A 71 14.86 7.07 -20.48
C SER A 71 15.65 7.97 -21.42
N TRP A 72 14.99 9.03 -21.82
CA TRP A 72 15.57 9.98 -22.75
C TRP A 72 14.91 11.34 -22.48
N LEU A 73 15.22 12.32 -23.33
CA LEU A 73 14.66 13.68 -23.17
C LEU A 73 13.72 13.95 -24.32
N ASN A 74 12.60 14.61 -24.05
CA ASN A 74 11.74 15.00 -25.18
C ASN A 74 12.36 16.24 -25.88
N GLN A 75 11.67 16.77 -26.90
N GLN A 75 11.67 16.77 -26.90
CA GLN A 75 12.26 17.85 -27.71
CA GLN A 75 12.27 17.86 -27.70
C GLN A 75 12.42 19.16 -26.95
C GLN A 75 12.53 19.09 -26.87
N LYS A 76 11.72 19.27 -25.84
CA LYS A 76 11.85 20.41 -24.92
C LYS A 76 12.80 20.14 -23.74
N GLY A 77 13.44 18.96 -23.70
CA GLY A 77 14.41 18.67 -22.63
C GLY A 77 13.82 18.01 -21.41
N LEU A 78 12.55 17.70 -21.40
CA LEU A 78 11.92 17.09 -20.20
C LEU A 78 12.16 15.57 -20.26
N PRO A 79 12.71 14.97 -19.20
CA PRO A 79 12.90 13.52 -19.22
C PRO A 79 11.63 12.71 -19.41
N GLN A 80 11.79 11.60 -20.12
CA GLN A 80 10.75 10.61 -20.40
C GLN A 80 11.30 9.29 -19.86
N VAL A 81 10.40 8.48 -19.30
CA VAL A 81 10.81 7.16 -18.78
C VAL A 81 9.83 6.10 -19.30
N ALA A 82 10.37 4.92 -19.59
CA ALA A 82 9.58 3.82 -20.12
C ALA A 82 10.22 2.49 -19.76
N ILE A 83 9.48 1.41 -19.99
CA ILE A 83 10.06 0.07 -19.95
C ILE A 83 10.03 -0.49 -21.35
N GLY A 84 11.17 -1.02 -21.81
CA GLY A 84 11.20 -1.62 -23.15
C GLY A 84 11.08 -3.13 -23.07
N GLU A 85 10.44 -3.73 -24.06
CA GLU A 85 10.37 -5.19 -24.16
C GLU A 85 10.87 -5.53 -25.55
N VAL A 86 11.94 -6.32 -25.60
CA VAL A 86 12.60 -6.63 -26.86
C VAL A 86 12.57 -8.12 -27.10
N SER A 87 12.38 -8.53 -28.34
CA SER A 87 12.48 -9.94 -28.67
C SER A 87 13.44 -10.11 -29.83
N ILE A 88 14.47 -10.91 -29.59
CA ILE A 88 15.49 -11.19 -30.63
C ILE A 88 15.34 -12.64 -31.07
N PRO A 89 15.12 -12.88 -32.38
CA PRO A 89 14.97 -14.26 -32.81
C PRO A 89 16.24 -15.11 -32.53
N ALA A 90 16.05 -16.36 -32.13
CA ALA A 90 17.16 -17.25 -31.88
C ALA A 90 17.92 -17.61 -33.15
N THR A 91 17.32 -17.31 -34.30
CA THR A 91 17.98 -17.50 -35.60
C THR A 91 18.86 -16.32 -36.02
N SER A 92 18.82 -15.22 -35.25
CA SER A 92 19.66 -14.08 -35.63
C SER A 92 21.13 -14.51 -35.65
N ALA A 93 21.92 -13.94 -36.57
CA ALA A 93 23.33 -14.29 -36.62
C ALA A 93 24.01 -13.99 -35.29
N ASN A 94 23.60 -12.89 -34.66
CA ASN A 94 24.27 -12.43 -33.46
C ASN A 94 23.33 -12.24 -32.27
N LEU A 95 23.86 -12.47 -31.09
CA LEU A 95 23.21 -11.94 -29.90
C LEU A 95 23.87 -10.61 -29.56
N ILE A 96 23.32 -9.90 -28.58
CA ILE A 96 23.82 -8.56 -28.21
C ILE A 96 24.42 -8.71 -26.84
N GLU A 97 25.66 -8.28 -26.67
CA GLU A 97 26.34 -8.39 -25.37
C GLU A 97 25.66 -7.41 -24.38
N SER A 98 25.33 -7.91 -23.19
N SER A 98 25.33 -7.90 -23.19
CA SER A 98 24.47 -7.18 -22.25
CA SER A 98 24.45 -7.15 -22.29
C SER A 98 25.04 -5.85 -21.76
C SER A 98 25.04 -5.85 -21.73
N LYS A 99 26.32 -5.83 -21.41
CA LYS A 99 26.96 -4.59 -20.94
C LYS A 99 26.91 -3.52 -22.04
N SER A 100 27.17 -3.93 -23.28
CA SER A 100 27.13 -2.99 -24.41
C SER A 100 25.72 -2.48 -24.62
N PHE A 101 24.74 -3.35 -24.41
CA PHE A 101 23.31 -2.99 -24.53
C PHE A 101 22.98 -1.91 -23.46
N LYS A 102 23.42 -2.14 -22.22
N LYS A 102 23.42 -2.14 -22.22
CA LYS A 102 23.24 -1.15 -21.14
CA LYS A 102 23.24 -1.14 -21.16
C LYS A 102 23.86 0.21 -21.53
C LYS A 102 23.83 0.21 -21.61
N LEU A 103 25.08 0.18 -22.07
CA LEU A 103 25.79 1.42 -22.37
C LEU A 103 25.09 2.15 -23.51
N TYR A 104 24.62 1.39 -24.50
CA TYR A 104 23.88 1.94 -25.60
C TYR A 104 22.56 2.63 -25.11
N LEU A 105 21.82 1.95 -24.24
CA LEU A 105 20.61 2.56 -23.69
C LEU A 105 20.93 3.80 -22.86
N ASN A 106 22.00 3.77 -22.08
CA ASN A 106 22.41 4.95 -21.28
C ASN A 106 22.66 6.15 -22.20
N SER A 107 23.12 5.87 -23.43
CA SER A 107 23.39 6.98 -24.38
C SER A 107 22.13 7.75 -24.79
N TYR A 108 20.93 7.15 -24.57
CA TYR A 108 19.68 7.86 -24.79
C TYR A 108 19.40 8.90 -23.70
N ASN A 109 19.99 8.72 -22.50
CA ASN A 109 19.46 9.42 -21.31
C ASN A 109 19.47 10.94 -21.43
N GLN A 110 20.52 11.51 -22.04
N GLN A 110 20.52 11.44 -22.08
CA GLN A 110 20.58 13.00 -22.20
CA GLN A 110 20.76 12.86 -22.19
C GLN A 110 20.33 13.44 -23.63
C GLN A 110 20.57 13.32 -23.64
N THR A 111 19.81 12.54 -24.44
CA THR A 111 19.54 12.87 -25.85
C THR A 111 18.08 13.25 -26.06
N ARG A 112 17.85 14.36 -26.78
CA ARG A 112 16.50 14.76 -27.11
C ARG A 112 16.01 14.05 -28.37
N PHE A 113 14.79 13.50 -28.25
CA PHE A 113 14.07 12.87 -29.35
C PHE A 113 12.70 13.50 -29.53
N ALA A 114 12.27 13.61 -30.78
CA ALA A 114 11.04 14.27 -31.09
C ALA A 114 9.79 13.58 -30.55
N SER A 115 9.86 12.27 -30.35
CA SER A 115 8.67 11.53 -30.01
C SER A 115 9.03 10.16 -29.50
N TRP A 116 8.06 9.52 -28.85
CA TRP A 116 8.23 8.14 -28.39
C TRP A 116 8.36 7.21 -29.60
N ASP A 117 7.61 7.53 -30.67
N ASP A 117 7.77 7.61 -30.73
CA ASP A 117 7.61 6.67 -31.81
CA ASP A 117 8.00 6.91 -31.98
C ASP A 117 9.01 6.62 -32.38
C ASP A 117 9.45 7.01 -32.50
N GLU A 118 9.68 7.79 -32.47
N GLU A 118 10.07 8.19 -32.44
CA GLU A 118 11.07 7.86 -32.90
CA GLU A 118 11.45 8.29 -32.84
C GLU A 118 11.98 6.93 -32.08
C GLU A 118 12.29 7.28 -32.02
N VAL A 119 11.93 7.05 -30.75
CA VAL A 119 12.72 6.20 -29.86
C VAL A 119 12.52 4.70 -30.21
N GLN A 120 11.26 4.28 -30.30
N GLN A 120 11.26 4.29 -30.31
CA GLN A 120 10.96 2.89 -30.65
CA GLN A 120 10.93 2.91 -30.63
C GLN A 120 11.59 2.55 -32.00
C GLN A 120 11.46 2.51 -32.01
N THR A 121 11.41 3.45 -32.97
CA THR A 121 11.95 3.22 -34.30
C THR A 121 13.48 3.04 -34.30
N ARG A 122 14.21 3.86 -33.54
CA ARG A 122 15.67 3.78 -33.51
C ARG A 122 16.10 2.50 -32.83
N LEU A 123 15.40 2.12 -31.75
CA LEU A 123 15.74 0.87 -31.07
C LEU A 123 15.56 -0.30 -32.00
N VAL A 124 14.45 -0.35 -32.74
CA VAL A 124 14.28 -1.45 -33.70
C VAL A 124 15.41 -1.44 -34.72
N HIS A 125 15.73 -0.27 -35.26
CA HIS A 125 16.74 -0.22 -36.30
C HIS A 125 18.12 -0.66 -35.80
N ASP A 126 18.53 -0.11 -34.65
CA ASP A 126 19.86 -0.35 -34.17
C ASP A 126 20.02 -1.77 -33.66
N LEU A 127 19.00 -2.27 -32.96
CA LEU A 127 19.10 -3.62 -32.39
C LEU A 127 19.01 -4.67 -33.50
N SER A 128 18.17 -4.42 -34.51
CA SER A 128 18.07 -5.33 -35.67
C SER A 128 19.40 -5.36 -36.44
N ALA A 129 20.00 -4.20 -36.66
CA ALA A 129 21.30 -4.18 -37.36
C ALA A 129 22.34 -4.97 -36.57
N CYS A 130 22.35 -4.83 -35.25
CA CYS A 130 23.32 -5.52 -34.42
C CYS A 130 23.07 -7.04 -34.47
N ALA A 131 21.82 -7.44 -34.25
CA ALA A 131 21.48 -8.87 -34.20
C ALA A 131 21.61 -9.55 -35.57
N GLY A 132 21.40 -8.78 -36.64
CA GLY A 132 21.39 -9.36 -38.00
C GLY A 132 20.03 -9.83 -38.51
N GLU A 133 18.98 -9.59 -37.74
CA GLU A 133 17.64 -10.01 -38.08
C GLU A 133 16.70 -9.06 -37.36
N THR A 134 15.53 -8.82 -37.95
CA THR A 134 14.55 -7.90 -37.35
C THR A 134 14.25 -8.30 -35.90
N VAL A 135 14.28 -7.30 -35.02
N VAL A 135 14.45 -7.37 -35.00
CA VAL A 135 14.03 -7.42 -33.56
CA VAL A 135 14.04 -7.63 -33.66
C VAL A 135 12.72 -6.65 -33.22
C VAL A 135 12.74 -6.85 -33.46
N THR A 136 11.83 -7.21 -32.39
N THR A 136 12.04 -7.21 -32.39
CA THR A 136 10.63 -6.47 -32.06
CA THR A 136 10.81 -6.58 -32.02
C THR A 136 10.90 -5.73 -30.78
C THR A 136 11.06 -5.67 -30.81
N VAL A 137 10.43 -4.50 -30.77
CA VAL A 137 10.61 -3.61 -29.62
C VAL A 137 9.28 -2.97 -29.27
N ASN A 138 8.89 -3.11 -27.99
N ASN A 138 8.91 -3.00 -28.00
CA ASN A 138 7.78 -2.36 -27.41
CA ASN A 138 7.71 -2.31 -27.54
C ASN A 138 8.38 -1.35 -26.44
C ASN A 138 8.09 -1.42 -26.37
N VAL A 139 7.96 -0.10 -26.59
CA VAL A 139 8.32 0.91 -25.58
C VAL A 139 7.02 1.27 -24.85
N LYS A 140 6.94 0.90 -23.57
CA LYS A 140 5.72 1.01 -22.82
C LYS A 140 5.84 2.06 -21.74
N SER A 141 4.81 2.91 -21.60
CA SER A 141 4.80 3.86 -20.48
C SER A 141 4.65 3.12 -19.14
N LEU A 142 5.13 3.76 -18.07
CA LEU A 142 5.12 3.07 -16.76
C LEU A 142 3.71 2.70 -16.31
N ASN A 143 2.72 3.49 -16.69
CA ASN A 143 1.36 3.19 -16.23
C ASN A 143 0.81 1.88 -16.80
N GLU A 144 1.40 1.35 -17.89
N GLU A 144 1.39 1.38 -17.90
CA GLU A 144 0.98 0.05 -18.46
CA GLU A 144 0.99 0.09 -18.46
C GLU A 144 1.35 -1.12 -17.56
C GLU A 144 1.16 -1.02 -17.43
N TYR A 145 2.13 -0.82 -16.52
CA TYR A 145 2.53 -1.85 -15.53
C TYR A 145 1.73 -1.84 -14.24
N THR A 146 0.96 -0.78 -13.99
CA THR A 146 0.22 -0.74 -12.75
C THR A 146 -0.73 -1.93 -12.68
N ALA A 147 -0.64 -2.65 -11.55
CA ALA A 147 -1.48 -3.84 -11.30
C ALA A 147 -1.10 -5.08 -12.10
N GLU A 148 -0.05 -5.00 -12.92
CA GLU A 148 0.48 -6.20 -13.52
C GLU A 148 1.06 -7.14 -12.46
N PRO A 149 0.92 -8.45 -12.67
CA PRO A 149 1.32 -9.42 -11.62
C PRO A 149 2.79 -9.80 -11.67
N ILE A 150 3.27 -10.17 -10.50
CA ILE A 150 4.48 -10.98 -10.46
C ILE A 150 4.00 -12.41 -10.63
N VAL A 151 4.71 -13.18 -11.45
CA VAL A 151 4.27 -14.55 -11.78
C VAL A 151 5.33 -15.58 -11.41
N THR A 152 4.86 -16.81 -11.24
CA THR A 152 5.79 -17.95 -11.18
C THR A 152 5.82 -18.65 -12.55
N GLN A 154 5.18 -22.30 -15.01
N GLN A 154 5.21 -22.32 -15.00
CA GLN A 154 4.24 -23.42 -15.17
CA GLN A 154 4.26 -23.42 -15.15
C GLN A 154 4.77 -24.72 -14.59
C GLN A 154 4.76 -24.71 -14.55
N GLY A 155 3.83 -25.63 -14.31
CA GLY A 155 4.19 -26.94 -13.84
C GLY A 155 4.66 -27.04 -12.42
N GLU A 156 5.36 -28.12 -12.13
CA GLU A 156 5.80 -28.42 -10.77
C GLU A 156 7.18 -27.91 -10.49
N CYS A 157 7.35 -27.24 -9.35
CA CYS A 157 8.68 -26.91 -8.85
C CYS A 157 9.39 -28.17 -8.37
N ILE A 158 10.64 -28.33 -8.81
CA ILE A 158 11.42 -29.51 -8.40
C ILE A 158 12.41 -29.24 -7.26
N ASP A 159 12.34 -28.04 -6.66
CA ASP A 159 13.39 -27.63 -5.74
C ASP A 159 13.32 -28.21 -4.35
N ASP A 160 12.16 -28.70 -3.96
CA ASP A 160 12.01 -29.13 -2.59
C ASP A 160 12.39 -30.62 -2.47
N GLN A 161 13.68 -30.89 -2.49
CA GLN A 161 14.16 -32.27 -2.44
C GLN A 161 15.01 -32.46 -1.23
N ASP A 162 15.01 -33.70 -0.74
CA ASP A 162 15.77 -34.09 0.43
C ASP A 162 17.02 -34.79 -0.11
N ILE A 163 17.93 -34.00 -0.67
CA ILE A 163 19.17 -34.50 -1.27
C ILE A 163 20.35 -33.67 -0.78
N GLU A 164 21.54 -34.28 -0.72
N GLU A 164 21.54 -34.26 -0.88
CA GLU A 164 22.76 -33.53 -0.43
CA GLU A 164 22.75 -33.61 -0.46
C GLU A 164 23.52 -33.24 -1.70
C GLU A 164 23.57 -33.26 -1.69
N ILE A 165 23.98 -32.00 -1.79
CA ILE A 165 24.85 -31.56 -2.87
C ILE A 165 26.13 -31.01 -2.24
N ALA A 166 27.28 -31.47 -2.76
CA ALA A 166 28.55 -30.93 -2.31
C ALA A 166 29.47 -30.58 -3.47
N ASN A 167 29.15 -31.10 -4.65
CA ASN A 167 29.96 -30.86 -5.84
C ASN A 167 29.18 -29.94 -6.77
N TYR A 168 29.67 -28.71 -6.95
CA TYR A 168 29.00 -27.70 -7.79
C TYR A 168 29.68 -27.46 -9.12
N GLU A 169 30.52 -28.43 -9.52
N GLU A 169 30.58 -28.36 -9.53
CA GLU A 169 31.22 -28.40 -10.82
CA GLU A 169 31.19 -28.20 -10.84
C GLU A 169 30.28 -28.86 -11.93
C GLU A 169 30.31 -28.83 -11.92
N PHE A 170 30.35 -28.24 -13.10
CA PHE A 170 29.45 -28.66 -14.19
C PHE A 170 29.63 -30.14 -14.58
N ASP A 171 28.52 -30.85 -14.75
CA ASP A 171 28.59 -32.27 -15.10
C ASP A 171 27.35 -32.69 -15.89
N ASP A 172 27.45 -32.63 -17.23
CA ASP A 172 26.32 -33.03 -18.07
C ASP A 172 25.97 -34.50 -17.87
N ALA A 173 26.96 -35.29 -17.42
CA ALA A 173 26.75 -36.73 -17.25
C ALA A 173 25.73 -37.04 -16.14
N LEU A 174 25.36 -36.02 -15.36
CA LEU A 174 24.29 -36.21 -14.35
C LEU A 174 22.94 -36.58 -14.97
N LEU A 175 22.79 -36.29 -16.26
CA LEU A 175 21.58 -36.63 -17.01
C LEU A 175 21.60 -38.01 -17.65
N GLN A 176 22.73 -38.70 -17.57
N GLN A 176 22.73 -38.70 -17.56
CA GLN A 176 22.85 -40.07 -18.12
CA GLN A 176 22.82 -40.07 -18.10
C GLN A 176 21.77 -40.96 -17.50
C GLN A 176 21.74 -40.93 -17.48
N GLY A 177 20.86 -41.48 -18.33
CA GLY A 177 19.80 -42.37 -17.83
C GLY A 177 18.72 -41.71 -16.98
N ALA A 178 18.65 -40.38 -17.05
CA ALA A 178 17.68 -39.64 -16.26
C ALA A 178 16.23 -39.76 -16.77
N ALA A 179 16.02 -40.30 -17.97
CA ALA A 179 14.65 -40.38 -18.47
C ALA A 179 14.33 -41.84 -18.76
N GLN A 180 13.82 -42.55 -17.76
N GLN A 180 13.77 -42.52 -17.78
CA GLN A 180 13.54 -43.99 -17.88
CA GLN A 180 13.53 -43.96 -17.90
C GLN A 180 12.04 -44.25 -17.80
C GLN A 180 12.12 -44.32 -17.45
N GLY A 181 11.32 -43.30 -17.22
CA GLY A 181 9.94 -43.49 -16.84
C GLY A 181 9.02 -43.72 -18.01
N GLU A 182 7.76 -43.88 -17.61
N GLU A 182 7.71 -43.76 -17.78
CA GLU A 182 6.61 -44.01 -18.46
CA GLU A 182 6.71 -43.85 -18.89
C GLU A 182 6.56 -42.74 -19.28
C GLU A 182 6.71 -42.60 -19.81
N GLU A 183 6.01 -42.87 -20.48
N GLU A 183 6.23 -42.72 -21.05
CA GLU A 183 5.86 -41.75 -21.42
CA GLU A 183 5.99 -41.53 -21.88
C GLU A 183 4.90 -40.73 -20.83
C GLU A 183 4.90 -40.67 -21.23
N VAL A 184 5.28 -39.45 -20.83
CA VAL A 184 4.41 -38.46 -20.20
C VAL A 184 4.60 -37.12 -20.89
N SER A 185 3.62 -36.25 -20.77
CA SER A 185 3.78 -34.80 -21.02
C SER A 185 3.84 -34.14 -19.66
N GLU A 186 4.91 -33.38 -19.40
CA GLU A 186 4.87 -32.61 -18.17
C GLU A 186 5.66 -31.33 -18.27
N VAL A 187 5.45 -30.47 -17.29
CA VAL A 187 6.20 -29.21 -17.20
C VAL A 187 6.80 -29.16 -15.81
N LEU A 188 8.10 -28.87 -15.73
CA LEU A 188 8.85 -28.80 -14.49
C LEU A 188 9.52 -27.44 -14.40
N HIS A 189 9.74 -26.93 -13.19
CA HIS A 189 10.54 -25.69 -13.09
C HIS A 189 11.41 -25.68 -11.85
N SER A 190 12.43 -24.84 -11.86
CA SER A 190 13.31 -24.65 -10.71
C SER A 190 13.66 -23.18 -10.60
N HIS A 191 13.81 -22.71 -9.37
CA HIS A 191 14.30 -21.34 -9.13
C HIS A 191 15.80 -21.32 -8.77
N LEU A 192 16.49 -22.45 -8.98
CA LEU A 192 17.84 -22.60 -8.42
C LEU A 192 18.96 -22.48 -9.47
N LEU A 193 18.63 -21.94 -10.65
CA LEU A 193 19.66 -21.73 -11.63
C LEU A 193 20.56 -20.55 -11.25
N LYS A 194 21.86 -20.81 -11.13
CA LYS A 194 22.86 -19.76 -10.96
C LYS A 194 24.02 -20.15 -11.89
N SER A 195 24.59 -19.14 -12.54
CA SER A 195 25.76 -19.38 -13.38
C SER A 195 26.49 -18.08 -13.41
N ASN A 196 27.74 -18.07 -13.89
CA ASN A 196 28.40 -16.77 -14.13
C ASN A 196 29.00 -16.68 -15.51
N PRO A 203 27.94 -13.42 -10.14
CA PRO A 203 26.87 -14.42 -10.26
C PRO A 203 25.60 -13.91 -10.94
N ASP A 204 25.02 -14.76 -11.78
CA ASP A 204 23.71 -14.54 -12.43
C ASP A 204 22.69 -15.55 -11.89
N TRP A 205 21.43 -15.11 -11.82
CA TRP A 205 20.42 -15.83 -11.04
C TRP A 205 19.22 -16.02 -11.94
N GLY A 206 18.68 -17.24 -12.00
CA GLY A 206 17.52 -17.47 -12.83
C GLY A 206 16.60 -18.57 -12.38
N SER A 207 15.41 -18.55 -12.99
CA SER A 207 14.48 -19.69 -12.87
C SER A 207 14.33 -20.31 -14.23
N VAL A 208 14.08 -21.60 -14.28
CA VAL A 208 14.05 -22.29 -15.55
C VAL A 208 12.86 -23.26 -15.58
N GLU A 209 12.17 -23.26 -16.73
CA GLU A 209 10.93 -24.03 -16.99
C GLU A 209 11.23 -24.99 -18.14
N ILE A 210 10.92 -26.25 -17.93
CA ILE A 210 11.25 -27.29 -18.89
C ILE A 210 9.96 -28.07 -19.16
N ALA A 211 9.45 -28.02 -20.38
CA ALA A 211 8.21 -28.71 -20.74
C ALA A 211 8.59 -29.75 -21.79
N TYR A 212 8.11 -30.98 -21.63
CA TYR A 212 8.56 -32.01 -22.55
C TYR A 212 7.52 -33.08 -22.67
N HIS A 213 7.65 -33.85 -23.76
CA HIS A 213 6.90 -35.11 -23.88
C HIS A 213 7.91 -36.19 -24.19
N GLY A 214 7.98 -37.20 -23.32
CA GLY A 214 8.99 -38.24 -23.48
C GLY A 214 8.97 -39.11 -22.24
N ALA A 215 9.94 -40.01 -22.15
CA ALA A 215 10.10 -40.79 -20.95
C ALA A 215 10.29 -39.87 -19.75
N LYS A 216 9.58 -40.17 -18.65
CA LYS A 216 9.59 -39.34 -17.47
C LYS A 216 10.99 -39.12 -16.89
N ASN A 218 13.90 -38.06 -14.25
CA ASN A 218 14.24 -38.20 -12.84
C ASN A 218 14.52 -36.81 -12.29
N ARG A 219 13.74 -36.40 -11.30
CA ARG A 219 13.85 -35.03 -10.79
C ARG A 219 15.12 -34.73 -9.99
N GLU A 220 15.66 -35.76 -9.32
CA GLU A 220 16.92 -35.57 -8.60
C GLU A 220 18.06 -35.33 -9.57
N ALA A 221 18.09 -36.12 -10.65
CA ALA A 221 19.14 -35.98 -11.65
C ALA A 221 19.04 -34.59 -12.29
N LEU A 222 17.82 -34.19 -12.61
CA LEU A 222 17.60 -32.88 -13.27
C LEU A 222 18.07 -31.73 -12.36
N LEU A 223 17.70 -31.81 -11.08
CA LEU A 223 18.08 -30.73 -10.16
C LEU A 223 19.60 -30.69 -9.92
N ARG A 224 20.23 -31.87 -9.73
CA ARG A 224 21.68 -31.87 -9.59
C ARG A 224 22.37 -31.28 -10.84
N TYR A 225 21.86 -31.63 -12.02
CA TYR A 225 22.39 -31.11 -13.29
C TYR A 225 22.29 -29.57 -13.32
N LEU A 226 21.10 -29.04 -13.01
CA LEU A 226 20.94 -27.56 -12.99
C LEU A 226 21.82 -26.87 -11.96
N VAL A 227 21.93 -27.47 -10.78
CA VAL A 227 22.79 -26.91 -9.72
C VAL A 227 24.27 -26.94 -10.10
N SER A 228 24.63 -27.87 -10.98
CA SER A 228 26.04 -27.96 -11.40
C SER A 228 26.54 -26.78 -12.27
N PHE A 229 25.61 -25.91 -12.71
CA PHE A 229 25.99 -24.67 -13.38
C PHE A 229 26.54 -23.63 -12.41
N ARG A 230 26.38 -23.88 -11.10
CA ARG A 230 26.50 -22.84 -10.04
C ARG A 230 27.86 -22.14 -10.05
N GLU A 231 28.93 -22.90 -10.39
CA GLU A 231 30.26 -22.34 -10.66
C GLU A 231 30.66 -22.66 -12.11
N HIS A 232 30.11 -21.91 -13.07
CA HIS A 232 30.29 -22.20 -14.49
C HIS A 232 29.98 -20.93 -15.29
N ASN A 233 30.86 -20.59 -16.24
CA ASN A 233 30.81 -19.31 -16.96
C ASN A 233 30.29 -19.48 -18.39
N GLU A 234 29.07 -19.00 -18.63
N GLU A 234 29.09 -18.93 -18.60
CA GLU A 234 28.51 -18.98 -19.99
CA GLU A 234 28.30 -19.09 -19.82
C GLU A 234 27.33 -18.03 -20.01
C GLU A 234 27.39 -17.88 -19.94
N PHE A 235 27.09 -17.44 -21.17
CA PHE A 235 26.01 -16.45 -21.36
C PHE A 235 24.68 -17.16 -21.11
N HIS A 236 23.69 -16.40 -20.69
CA HIS A 236 22.35 -16.94 -20.43
C HIS A 236 21.79 -17.70 -21.63
N GLU A 237 21.93 -17.11 -22.82
CA GLU A 237 21.38 -17.68 -24.06
C GLU A 237 22.07 -19.01 -24.29
N GLN A 238 23.36 -19.03 -23.99
CA GLN A 238 24.15 -20.24 -24.18
C GLN A 238 23.80 -21.30 -23.15
N CYS A 239 23.59 -20.89 -21.91
N CYS A 239 23.59 -20.89 -21.91
CA CYS A 239 23.16 -21.83 -20.85
CA CYS A 239 23.15 -21.83 -20.86
C CYS A 239 21.86 -22.51 -21.24
C CYS A 239 21.87 -22.52 -21.27
N VAL A 240 20.87 -21.74 -21.69
CA VAL A 240 19.60 -22.32 -22.11
C VAL A 240 19.83 -23.29 -23.29
N GLU A 241 20.70 -22.92 -24.25
CA GLU A 241 20.95 -23.84 -25.37
C GLU A 241 21.66 -25.12 -24.95
N ARG A 242 22.55 -25.01 -23.96
CA ARG A 242 23.25 -26.18 -23.42
C ARG A 242 22.26 -27.09 -22.70
N ILE A 243 21.39 -26.50 -21.88
CA ILE A 243 20.39 -27.29 -21.18
C ILE A 243 19.51 -28.02 -22.20
N PHE A 244 19.03 -27.30 -23.23
CA PHE A 244 18.17 -27.89 -24.27
C PHE A 244 18.88 -29.07 -24.94
N THR A 245 20.09 -28.82 -25.40
CA THR A 245 20.82 -29.85 -26.13
C THR A 245 21.26 -31.03 -25.25
N ASP A 246 21.61 -30.76 -23.98
CA ASP A 246 21.91 -31.89 -23.07
C ASP A 246 20.65 -32.72 -22.80
N ILE A 247 19.50 -32.09 -22.54
CA ILE A 247 18.29 -32.86 -22.31
C ILE A 247 17.90 -33.66 -23.57
N ARG A 249 19.84 -34.83 -25.93
CA ARG A 249 20.77 -35.96 -26.14
C ARG A 249 20.69 -37.07 -25.09
N TYR A 250 20.57 -36.71 -23.81
CA TYR A 250 20.46 -37.71 -22.75
C TYR A 250 19.05 -38.26 -22.50
N CYS A 251 18.02 -37.46 -22.72
CA CYS A 251 16.66 -37.86 -22.36
C CYS A 251 15.77 -38.17 -23.54
N GLN A 252 16.24 -37.77 -24.73
N GLN A 252 16.15 -37.73 -24.74
CA GLN A 252 15.54 -37.85 -26.04
CA GLN A 252 15.41 -38.05 -25.97
C GLN A 252 14.00 -37.73 -26.07
C GLN A 252 13.89 -37.86 -25.87
N PRO A 253 13.44 -36.64 -25.50
CA PRO A 253 11.99 -36.39 -25.55
C PRO A 253 11.54 -36.21 -27.01
N GLN A 254 10.27 -36.47 -27.31
CA GLN A 254 9.72 -36.19 -28.63
C GLN A 254 9.58 -34.69 -28.88
N SER A 255 9.37 -33.95 -27.80
CA SER A 255 9.23 -32.49 -27.92
C SER A 255 9.77 -31.88 -26.62
N LEU A 256 10.29 -30.66 -26.74
CA LEU A 256 10.98 -30.05 -25.59
C LEU A 256 10.98 -28.55 -25.68
N THR A 257 10.76 -27.90 -24.53
CA THR A 257 10.95 -26.44 -24.41
C THR A 257 11.72 -26.16 -23.17
N VAL A 258 12.73 -25.31 -23.29
CA VAL A 258 13.50 -24.84 -22.13
C VAL A 258 13.45 -23.33 -22.15
N TYR A 259 12.99 -22.77 -21.04
CA TYR A 259 12.82 -21.32 -20.96
C TYR A 259 13.36 -20.84 -19.63
N ALA A 260 14.31 -19.94 -19.67
CA ALA A 260 14.88 -19.40 -18.43
C ALA A 260 14.63 -17.89 -18.36
N ARG A 261 14.43 -17.43 -17.12
CA ARG A 261 14.18 -16.01 -16.82
C ARG A 261 15.18 -15.59 -15.77
N TYR A 262 16.10 -14.71 -16.17
CA TYR A 262 17.20 -14.33 -15.30
C TYR A 262 16.93 -12.96 -14.69
N THR A 263 17.48 -12.73 -13.51
CA THR A 263 17.39 -11.39 -12.91
C THR A 263 18.26 -10.40 -13.69
N ARG A 264 17.88 -9.14 -13.61
CA ARG A 264 18.56 -8.12 -14.42
C ARG A 264 19.99 -7.90 -13.95
N ARG A 265 20.82 -7.47 -14.92
CA ARG A 265 22.19 -6.99 -14.64
C ARG A 265 22.27 -5.67 -15.36
N GLY A 266 22.63 -4.62 -14.65
CA GLY A 266 22.74 -3.30 -15.25
C GLY A 266 21.42 -2.81 -15.83
N GLY A 267 20.30 -3.17 -15.21
CA GLY A 267 19.02 -2.58 -15.61
C GLY A 267 18.27 -3.34 -16.68
N LEU A 268 18.92 -4.41 -17.21
N LEU A 268 18.84 -4.40 -17.21
CA LEU A 268 18.41 -5.27 -18.31
CA LEU A 268 18.07 -5.17 -18.16
C LEU A 268 18.30 -6.71 -17.87
C LEU A 268 18.26 -6.65 -17.93
N ASP A 269 17.20 -7.39 -18.22
CA ASP A 269 17.20 -8.85 -18.09
C ASP A 269 17.04 -9.58 -19.40
N ILE A 270 17.44 -10.84 -19.41
N ILE A 270 17.48 -10.84 -19.39
CA ILE A 270 17.31 -11.65 -20.59
CA ILE A 270 17.47 -11.73 -20.54
C ILE A 270 16.68 -12.98 -20.24
C ILE A 270 16.61 -12.94 -20.17
N ASN A 271 15.79 -13.40 -21.13
CA ASN A 271 14.88 -14.52 -20.91
C ASN A 271 14.90 -15.40 -22.15
N PRO A 272 15.90 -16.29 -22.26
CA PRO A 272 15.95 -17.10 -23.48
C PRO A 272 14.97 -18.26 -23.47
N PHE A 273 14.32 -18.41 -24.61
CA PHE A 273 13.29 -19.43 -24.83
C PHE A 273 13.75 -20.28 -26.02
N ARG A 274 13.85 -21.59 -25.82
CA ARG A 274 14.28 -22.49 -26.90
C ARG A 274 13.35 -23.69 -26.91
N SER A 275 12.89 -24.05 -28.10
CA SER A 275 11.89 -25.12 -28.19
C SER A 275 12.03 -25.91 -29.48
N SER A 276 11.63 -27.17 -29.42
CA SER A 276 11.61 -27.95 -30.65
C SER A 276 10.42 -27.56 -31.52
N HIS A 277 9.34 -27.09 -30.91
N HIS A 277 9.37 -26.98 -30.96
CA HIS A 277 8.04 -26.92 -31.59
CA HIS A 277 8.14 -26.76 -31.71
C HIS A 277 7.21 -25.64 -31.29
C HIS A 277 7.52 -25.37 -31.56
N GLN A 278 7.69 -24.78 -30.38
CA GLN A 278 7.03 -23.49 -30.04
C GLN A 278 7.96 -22.33 -30.38
N SER A 279 7.40 -21.15 -30.63
CA SER A 279 8.17 -19.97 -31.04
C SER A 279 8.52 -18.97 -29.93
N ALA A 280 7.65 -18.86 -28.94
CA ALA A 280 7.81 -17.82 -27.94
C ALA A 280 6.93 -18.14 -26.74
N PRO A 281 7.25 -17.56 -25.56
CA PRO A 281 6.32 -17.70 -24.43
C PRO A 281 5.14 -16.77 -24.67
N ASN A 282 4.03 -16.96 -23.93
CA ASN A 282 2.81 -16.13 -24.12
C ASN A 282 2.91 -14.67 -23.71
N HIS A 283 3.66 -14.37 -22.65
N HIS A 283 3.74 -14.40 -22.72
CA HIS A 283 3.79 -12.99 -22.16
CA HIS A 283 3.86 -13.06 -22.16
C HIS A 283 5.18 -12.83 -21.56
C HIS A 283 5.32 -12.80 -21.83
N ASN A 284 5.60 -11.59 -21.38
CA ASN A 284 6.87 -11.30 -20.75
C ASN A 284 6.59 -10.76 -19.35
N GLN A 285 5.99 -11.57 -18.49
CA GLN A 285 5.66 -11.13 -17.14
C GLN A 285 6.80 -11.46 -16.19
N ARG A 286 7.11 -10.54 -15.28
CA ARG A 286 8.28 -10.70 -14.42
C ARG A 286 8.03 -11.70 -13.32
N ALA A 288 9.46 -13.23 -9.38
CA ALA A 288 9.62 -12.55 -8.08
C ALA A 288 10.97 -11.80 -7.95
N ARG A 289 12.07 -12.43 -8.38
CA ARG A 289 13.37 -11.79 -8.22
C ARG A 289 13.72 -10.83 -9.36
N GLN A 290 12.93 -10.85 -10.43
CA GLN A 290 13.23 -9.99 -11.57
C GLN A 290 12.78 -8.56 -11.34
N ASN B 32 34.66 -19.11 -1.28
CA ASN B 32 34.32 -17.88 -0.53
C ASN B 32 33.16 -18.15 0.40
N GLN B 33 33.42 -17.98 1.69
CA GLN B 33 32.43 -18.28 2.69
C GLN B 33 31.93 -16.96 3.30
N TYR B 34 30.89 -17.09 4.08
CA TYR B 34 30.23 -16.01 4.80
C TYR B 34 31.24 -15.11 5.49
N ASP B 35 31.13 -13.81 5.26
CA ASP B 35 32.13 -12.85 5.73
C ASP B 35 31.52 -11.47 6.04
N PRO B 36 31.13 -11.25 7.30
CA PRO B 36 30.59 -9.95 7.70
C PRO B 36 31.55 -8.77 7.53
N SER B 37 32.86 -9.00 7.46
CA SER B 37 33.80 -7.88 7.30
C SER B 37 33.71 -7.20 5.92
N LEU B 38 32.96 -7.79 4.99
CA LEU B 38 32.74 -7.17 3.70
C LEU B 38 31.85 -5.92 3.80
N LEU B 39 31.01 -5.84 4.84
CA LEU B 39 30.09 -4.68 4.96
C LEU B 39 30.88 -3.41 5.25
N GLN B 40 30.56 -2.34 4.54
N GLN B 40 30.54 -2.34 4.53
CA GLN B 40 31.19 -1.05 4.83
CA GLN B 40 31.15 -1.02 4.75
C GLN B 40 30.16 0.02 5.19
C GLN B 40 30.09 -0.03 5.22
N PRO B 41 30.26 0.54 6.42
CA PRO B 41 29.37 1.63 6.84
C PRO B 41 29.79 2.96 6.20
N VAL B 42 28.83 3.86 6.02
CA VAL B 42 29.11 5.26 5.65
C VAL B 42 28.33 6.10 6.66
N PRO B 43 28.99 7.06 7.32
CA PRO B 43 28.26 7.76 8.36
C PRO B 43 27.23 8.72 7.77
N ARG B 44 26.03 8.75 8.36
CA ARG B 44 24.98 9.67 7.87
C ARG B 44 25.40 11.14 8.12
N SER B 45 26.33 11.34 9.04
CA SER B 45 26.76 12.68 9.43
C SER B 45 27.41 13.45 8.30
N LEU B 46 28.01 12.75 7.35
CA LEU B 46 28.74 13.44 6.28
C LEU B 46 27.83 14.39 5.54
N ASN B 47 26.77 13.82 4.99
CA ASN B 47 25.83 14.64 4.23
C ASN B 47 24.93 15.51 5.11
N ARG B 48 24.60 15.05 6.31
CA ARG B 48 23.76 15.84 7.18
C ARG B 48 24.46 17.14 7.59
N ASN B 49 25.75 17.06 7.84
CA ASN B 49 26.50 18.27 8.10
C ASN B 49 26.46 19.20 6.89
N ASP B 50 26.51 18.62 5.68
CA ASP B 50 26.45 19.41 4.44
C ASP B 50 25.09 20.07 4.26
N LEU B 51 24.04 19.46 4.81
CA LEU B 51 22.67 20.02 4.76
C LEU B 51 22.40 21.01 5.88
N HIS B 52 23.42 21.25 6.72
CA HIS B 52 23.30 22.16 7.86
C HIS B 52 22.31 21.67 8.91
N LEU B 53 22.28 20.34 9.12
CA LEU B 53 21.38 19.75 10.13
C LEU B 53 22.03 19.68 11.50
N SER B 54 21.23 19.88 12.55
CA SER B 54 21.73 19.64 13.90
C SER B 54 21.66 18.14 14.14
N ALA B 55 22.30 17.68 15.21
CA ALA B 55 22.22 16.26 15.56
C ALA B 55 20.78 15.86 15.92
N THR B 56 19.94 16.82 16.34
CA THR B 56 18.50 16.51 16.49
C THR B 56 17.74 16.74 15.16
N LEU B 57 17.32 15.65 14.54
CA LEU B 57 16.92 15.70 13.15
C LEU B 57 15.54 16.32 13.01
N PRO B 58 15.30 16.99 11.86
CA PRO B 58 13.99 17.51 11.53
C PRO B 58 13.06 16.47 10.90
N PHE B 59 13.50 15.22 10.87
CA PHE B 59 12.67 14.15 10.30
C PHE B 59 12.90 12.87 11.09
N GLN B 60 11.99 11.93 10.89
CA GLN B 60 12.24 10.56 11.32
C GLN B 60 12.00 9.69 10.08
N GLY B 61 12.26 8.41 10.21
CA GLY B 61 12.05 7.53 9.08
C GLY B 61 13.01 6.39 9.06
N CYS B 62 13.24 5.88 7.86
CA CYS B 62 13.98 4.60 7.69
C CYS B 62 14.35 4.45 6.24
N ASP B 63 15.33 3.58 5.99
CA ASP B 63 15.71 3.20 4.63
C ASP B 63 15.26 1.77 4.47
N ILE B 64 14.34 1.56 3.52
CA ILE B 64 13.82 0.23 3.26
C ILE B 64 14.60 -0.34 2.07
N TRP B 65 15.23 -1.49 2.27
CA TRP B 65 16.01 -2.12 1.19
C TRP B 65 15.31 -3.38 0.75
N THR B 66 15.41 -3.68 -0.55
CA THR B 66 14.93 -4.97 -1.04
C THR B 66 16.10 -5.72 -1.60
N LEU B 67 16.27 -6.96 -1.12
CA LEU B 67 17.43 -7.83 -1.48
C LEU B 67 16.88 -8.91 -2.38
N TYR B 68 16.97 -8.66 -3.69
CA TYR B 68 16.32 -9.57 -4.68
C TYR B 68 17.07 -10.87 -4.90
N GLU B 69 18.33 -10.90 -4.50
CA GLU B 69 19.23 -12.01 -4.87
C GLU B 69 19.78 -12.82 -3.68
N LEU B 70 19.06 -12.83 -2.59
CA LEU B 70 19.53 -13.49 -1.39
C LEU B 70 19.51 -15.00 -1.65
N SER B 71 20.65 -15.66 -1.47
CA SER B 71 20.73 -17.09 -1.71
C SER B 71 21.85 -17.69 -0.87
N TRP B 72 21.61 -18.89 -0.38
CA TRP B 72 22.56 -19.58 0.51
C TRP B 72 22.36 -21.07 0.31
N LEU B 73 23.06 -21.90 1.07
CA LEU B 73 22.87 -23.37 0.95
C LEU B 73 22.20 -23.86 2.23
N ASN B 74 21.31 -24.85 2.14
CA ASN B 74 20.73 -25.44 3.36
C ASN B 74 21.76 -26.38 4.02
N GLN B 75 21.36 -27.07 5.08
N GLN B 75 21.36 -27.08 5.07
CA GLN B 75 22.28 -27.92 5.85
CA GLN B 75 22.31 -27.87 5.85
C GLN B 75 22.94 -28.94 4.92
C GLN B 75 22.79 -29.11 5.07
N LYS B 76 22.20 -29.37 3.91
CA LYS B 76 22.65 -30.46 3.01
C LYS B 76 23.22 -29.92 1.69
N GLY B 77 23.51 -28.61 1.60
CA GLY B 77 24.14 -28.06 0.38
C GLY B 77 23.21 -27.71 -0.77
N LEU B 78 21.90 -27.85 -0.57
CA LEU B 78 20.95 -27.51 -1.62
C LEU B 78 20.67 -26.01 -1.58
N PRO B 79 20.88 -25.30 -2.71
CA PRO B 79 20.62 -23.86 -2.71
C PRO B 79 19.19 -23.47 -2.31
N GLN B 80 19.10 -22.38 -1.55
CA GLN B 80 17.86 -21.73 -1.14
C GLN B 80 17.90 -20.33 -1.74
N VAL B 81 16.72 -19.84 -2.11
CA VAL B 81 16.62 -18.46 -2.63
C VAL B 81 15.46 -17.76 -1.91
N ALA B 82 15.62 -16.45 -1.73
CA ALA B 82 14.61 -15.70 -0.97
C ALA B 82 14.74 -14.23 -1.40
N ILE B 83 13.73 -13.44 -1.04
CA ILE B 83 13.83 -11.97 -1.13
C ILE B 83 13.91 -11.42 0.28
N GLY B 84 14.93 -10.59 0.55
CA GLY B 84 15.05 -9.96 1.89
C GLY B 84 14.43 -8.59 1.86
N GLU B 85 13.72 -8.26 2.94
CA GLU B 85 13.16 -6.93 3.14
C GLU B 85 13.78 -6.40 4.44
N VAL B 86 14.54 -5.32 4.32
CA VAL B 86 15.35 -4.79 5.44
C VAL B 86 14.90 -3.37 5.73
N SER B 87 14.79 -3.00 7.01
CA SER B 87 14.52 -1.60 7.35
C SER B 87 15.60 -1.12 8.28
N ILE B 88 16.27 -0.03 7.86
CA ILE B 88 17.33 0.58 8.67
C ILE B 88 16.84 1.92 9.22
N PRO B 89 16.81 2.08 10.53
CA PRO B 89 16.30 3.34 11.09
C PRO B 89 17.12 4.55 10.62
N ALA B 90 16.42 5.64 10.31
CA ALA B 90 17.10 6.86 9.89
C ALA B 90 17.99 7.46 11.02
N THR B 91 17.77 7.01 12.25
CA THR B 91 18.56 7.46 13.39
C THR B 91 19.87 6.67 13.50
N SER B 92 20.06 5.65 12.67
CA SER B 92 21.29 4.86 12.80
C SER B 92 22.50 5.76 12.46
N ALA B 93 23.63 5.50 13.12
CA ALA B 93 24.82 6.32 12.81
C ALA B 93 25.23 6.22 11.37
N ASN B 94 25.09 5.00 10.82
CA ASN B 94 25.61 4.73 9.49
C ASN B 94 24.55 4.20 8.58
N LEU B 95 24.69 4.53 7.31
CA LEU B 95 24.05 3.73 6.30
C LEU B 95 25.03 2.64 5.83
N ILE B 96 24.55 1.69 5.05
CA ILE B 96 25.41 0.61 4.54
C ILE B 96 25.69 0.88 3.07
N GLU B 97 26.97 0.85 2.69
CA GLU B 97 27.29 1.16 1.29
C GLU B 97 26.82 -0.03 0.42
N SER B 98 26.12 0.30 -0.66
N SER B 98 26.09 0.27 -0.66
CA SER B 98 25.40 -0.71 -1.43
CA SER B 98 25.37 -0.79 -1.38
C SER B 98 26.28 -1.80 -2.05
C SER B 98 26.28 -1.83 -2.07
N LYS B 99 27.43 -1.42 -2.63
CA LYS B 99 28.28 -2.42 -3.26
C LYS B 99 28.80 -3.38 -2.21
N SER B 100 29.16 -2.84 -1.04
CA SER B 100 29.63 -3.72 0.02
C SER B 100 28.51 -4.66 0.53
N PHE B 101 27.28 -4.17 0.53
CA PHE B 101 26.13 -4.95 0.96
C PHE B 101 25.95 -6.14 -0.03
N LYS B 102 26.05 -5.86 -1.33
CA LYS B 102 26.01 -6.91 -2.35
C LYS B 102 27.10 -7.96 -2.14
N LEU B 103 28.35 -7.50 -1.95
CA LEU B 103 29.48 -8.45 -1.72
C LEU B 103 29.24 -9.30 -0.47
N TYR B 104 28.75 -8.65 0.58
CA TYR B 104 28.44 -9.37 1.80
C TYR B 104 27.37 -10.43 1.51
N LEU B 105 26.29 -10.07 0.80
CA LEU B 105 25.28 -11.06 0.55
C LEU B 105 25.80 -12.21 -0.33
N ASN B 106 26.68 -11.90 -1.27
CA ASN B 106 27.25 -12.95 -2.12
C ASN B 106 28.05 -13.97 -1.28
N SER B 107 28.59 -13.53 -0.14
CA SER B 107 29.37 -14.44 0.71
C SER B 107 28.50 -15.53 1.34
N TYR B 108 27.16 -15.33 1.29
CA TYR B 108 26.23 -16.38 1.75
C TYR B 108 26.09 -17.52 0.75
N ASN B 109 26.39 -17.25 -0.51
CA ASN B 109 25.91 -18.12 -1.63
C ASN B 109 26.39 -19.58 -1.55
N GLN B 110 27.60 -19.77 -1.03
CA GLN B 110 28.20 -21.14 -0.94
C GLN B 110 28.34 -21.57 0.50
N THR B 111 27.58 -20.93 1.39
CA THR B 111 27.65 -21.26 2.83
C THR B 111 26.41 -22.00 3.26
N ARG B 112 26.60 -23.12 3.97
CA ARG B 112 25.49 -23.87 4.49
C ARG B 112 25.04 -23.20 5.76
N PHE B 113 23.73 -23.01 5.85
CA PHE B 113 23.10 -22.53 7.04
C PHE B 113 22.06 -23.53 7.45
N ALA B 114 21.97 -23.66 8.76
CA ALA B 114 21.12 -24.64 9.36
C ALA B 114 19.65 -24.52 9.05
N SER B 115 19.13 -23.29 8.94
CA SER B 115 17.69 -23.03 8.69
C SER B 115 17.51 -21.59 8.19
N TRP B 116 16.32 -21.26 7.70
CA TRP B 116 16.04 -19.87 7.27
C TRP B 116 16.10 -18.94 8.46
N ASP B 117 15.72 -19.43 9.65
CA ASP B 117 15.84 -18.58 10.84
C ASP B 117 17.27 -18.19 11.15
N GLU B 118 18.23 -19.11 10.92
CA GLU B 118 19.64 -18.80 11.11
C GLU B 118 20.07 -17.66 10.18
N VAL B 119 19.67 -17.73 8.91
CA VAL B 119 20.01 -16.68 7.95
C VAL B 119 19.44 -15.33 8.42
N GLN B 120 18.18 -15.33 8.83
N GLN B 120 18.17 -15.31 8.83
CA GLN B 120 17.52 -14.10 9.26
CA GLN B 120 17.57 -14.04 9.27
C GLN B 120 18.21 -13.51 10.50
C GLN B 120 18.38 -13.50 10.44
N THR B 121 18.66 -14.39 11.40
CA THR B 121 19.42 -13.97 12.60
C THR B 121 20.78 -13.35 12.26
N ARG B 122 21.52 -14.00 11.38
N ARG B 122 21.52 -13.99 11.36
CA ARG B 122 22.83 -13.49 10.99
CA ARG B 122 22.83 -13.50 10.96
C ARG B 122 22.65 -12.11 10.33
C ARG B 122 22.74 -12.16 10.22
N LEU B 123 21.69 -11.98 9.42
CA LEU B 123 21.46 -10.71 8.74
C LEU B 123 21.16 -9.60 9.74
N VAL B 124 20.23 -9.84 10.67
CA VAL B 124 19.89 -8.86 11.66
C VAL B 124 21.16 -8.51 12.44
N HIS B 125 21.93 -9.51 12.88
CA HIS B 125 23.10 -9.23 13.71
C HIS B 125 24.14 -8.34 12.96
N ASP B 126 24.44 -8.74 11.72
CA ASP B 126 25.50 -8.11 10.96
C ASP B 126 25.10 -6.72 10.49
N LEU B 127 23.88 -6.62 9.96
CA LEU B 127 23.42 -5.31 9.47
C LEU B 127 23.21 -4.33 10.62
N SER B 128 22.72 -4.81 11.78
CA SER B 128 22.58 -3.92 12.94
C SER B 128 23.93 -3.43 13.43
N ALA B 129 24.94 -4.33 13.46
CA ALA B 129 26.26 -3.89 13.90
C ALA B 129 26.82 -2.82 12.96
N CYS B 130 26.62 -3.01 11.65
CA CYS B 130 27.19 -2.08 10.66
C CYS B 130 26.47 -0.73 10.72
N ALA B 131 25.13 -0.75 10.80
CA ALA B 131 24.36 0.51 10.80
C ALA B 131 24.49 1.27 12.12
N GLY B 132 24.69 0.52 13.19
CA GLY B 132 24.79 1.09 14.52
C GLY B 132 23.50 1.12 15.31
N GLU B 133 22.45 0.50 14.78
CA GLU B 133 21.15 0.44 15.46
C GLU B 133 20.43 -0.77 14.94
N THR B 134 19.50 -1.31 15.72
CA THR B 134 18.81 -2.55 15.33
C THR B 134 18.08 -2.35 14.02
N VAL B 135 18.36 -3.28 13.10
N VAL B 135 18.32 -3.28 13.10
CA VAL B 135 17.76 -3.30 11.74
CA VAL B 135 17.56 -3.21 11.87
C VAL B 135 16.78 -4.47 11.72
C VAL B 135 16.51 -4.30 11.88
N THR B 136 15.60 -4.25 11.12
N THR B 136 15.62 -4.21 10.91
CA THR B 136 14.63 -5.36 10.96
CA THR B 136 14.58 -5.19 10.79
C THR B 136 14.79 -6.03 9.60
C THR B 136 14.87 -6.02 9.53
N VAL B 137 14.70 -7.34 9.61
CA VAL B 137 14.93 -8.17 8.43
C VAL B 137 13.81 -9.20 8.32
N ASN B 138 13.17 -9.28 7.16
N ASN B 138 13.21 -9.29 7.13
CA ASN B 138 12.22 -10.34 6.83
CA ASN B 138 12.18 -10.28 6.79
C ASN B 138 12.83 -11.08 5.64
C ASN B 138 12.62 -11.11 5.57
N VAL B 139 12.97 -12.39 5.78
CA VAL B 139 13.45 -13.26 4.69
C VAL B 139 12.21 -13.97 4.13
N LYS B 140 11.82 -13.58 2.90
CA LYS B 140 10.60 -14.09 2.32
C LYS B 140 10.81 -15.10 1.20
N SER B 141 10.06 -16.20 1.22
N SER B 141 10.02 -16.16 1.23
CA SER B 141 10.18 -17.15 0.13
CA SER B 141 10.03 -17.14 0.15
C SER B 141 9.59 -16.56 -1.14
C SER B 141 9.59 -16.50 -1.16
N LEU B 142 10.06 -17.04 -2.28
CA LEU B 142 9.65 -16.46 -3.56
C LEU B 142 8.14 -16.55 -3.80
N ASN B 143 7.51 -17.61 -3.26
CA ASN B 143 6.08 -17.77 -3.51
C ASN B 143 5.23 -16.76 -2.75
N GLU B 144 5.85 -16.01 -1.81
CA GLU B 144 5.13 -14.86 -1.18
C GLU B 144 4.80 -13.72 -2.16
N TYR B 145 5.41 -13.77 -3.36
CA TYR B 145 5.25 -12.70 -4.32
C TYR B 145 4.37 -13.15 -5.47
N THR B 146 3.97 -14.41 -5.52
CA THR B 146 3.14 -14.82 -6.66
C THR B 146 1.83 -14.05 -6.68
N ALA B 147 1.50 -13.46 -7.83
CA ALA B 147 0.28 -12.65 -8.04
C ALA B 147 0.26 -11.36 -7.22
N GLU B 148 1.43 -10.94 -6.73
N GLU B 148 1.43 -10.93 -6.75
CA GLU B 148 1.54 -9.60 -6.14
CA GLU B 148 1.52 -9.61 -6.11
C GLU B 148 1.52 -8.61 -7.28
C GLU B 148 1.62 -8.54 -7.20
N PRO B 149 0.69 -7.56 -7.18
CA PRO B 149 0.68 -6.53 -8.22
C PRO B 149 1.75 -5.46 -8.09
N ILE B 150 2.20 -4.98 -9.24
N ILE B 150 2.19 -4.95 -9.24
CA ILE B 150 3.00 -3.76 -9.32
CA ILE B 150 3.05 -3.78 -9.30
C ILE B 150 2.11 -2.61 -8.87
C ILE B 150 2.18 -2.55 -9.00
N VAL B 151 2.72 -1.66 -8.18
CA VAL B 151 1.98 -0.45 -7.75
C VAL B 151 2.57 0.80 -8.35
N THR B 152 1.76 1.86 -8.41
CA THR B 152 2.31 3.20 -8.63
C THR B 152 2.28 3.97 -7.30
N GLN B 154 0.99 7.32 -4.84
N GLN B 154 1.07 7.37 -4.86
CA GLN B 154 -0.32 7.91 -4.60
CA GLN B 154 -0.18 7.97 -4.42
C GLN B 154 -0.36 9.34 -5.01
C GLN B 154 -0.34 9.39 -4.94
N GLY B 155 -1.59 9.80 -5.15
CA GLY B 155 -1.84 11.18 -5.48
C GLY B 155 -1.58 11.48 -6.93
N GLU B 156 -1.36 12.75 -7.20
N GLU B 156 -1.29 12.74 -7.18
CA GLU B 156 -1.28 13.27 -8.54
CA GLU B 156 -1.19 13.33 -8.50
C GLU B 156 0.18 13.26 -9.04
C GLU B 156 0.24 13.23 -9.02
N CYS B 157 0.38 12.64 -10.20
CA CYS B 157 1.67 12.68 -10.90
C CYS B 157 1.88 14.09 -11.50
N ILE B 158 3.06 14.66 -11.28
CA ILE B 158 3.36 16.02 -11.75
C ILE B 158 4.14 16.09 -13.06
N ASP B 159 4.43 14.93 -13.63
CA ASP B 159 5.36 14.85 -14.74
C ASP B 159 4.82 15.33 -16.08
N ASP B 160 3.52 15.31 -16.26
CA ASP B 160 2.94 15.67 -17.57
C ASP B 160 2.79 17.17 -17.72
N GLN B 161 3.91 17.85 -17.89
CA GLN B 161 3.91 19.30 -18.06
C GLN B 161 4.62 19.67 -19.35
N ASP B 162 4.05 20.66 -20.06
CA ASP B 162 4.58 21.09 -21.35
C ASP B 162 5.58 22.21 -21.09
N ILE B 163 6.71 21.85 -20.51
CA ILE B 163 7.72 22.83 -20.14
C ILE B 163 9.05 22.51 -20.82
N GLU B 164 9.86 23.56 -20.94
N GLU B 164 9.85 23.56 -21.02
CA GLU B 164 11.20 23.42 -21.47
CA GLU B 164 11.25 23.42 -21.51
C GLU B 164 12.26 23.47 -20.37
C GLU B 164 12.23 23.44 -20.36
N ILE B 165 13.20 22.52 -20.43
CA ILE B 165 14.33 22.49 -19.50
C ILE B 165 15.55 22.96 -20.31
N ALA B 166 16.14 24.09 -19.88
CA ALA B 166 17.23 24.75 -20.63
C ALA B 166 18.61 24.48 -20.05
N ASN B 167 18.67 23.88 -18.87
CA ASN B 167 19.92 23.33 -18.44
C ASN B 167 19.66 22.40 -17.27
N TYR B 168 20.68 21.62 -16.91
CA TYR B 168 20.50 20.48 -16.03
C TYR B 168 21.30 20.59 -14.74
N GLU B 169 21.67 21.81 -14.36
N GLU B 169 21.68 21.82 -14.38
CA GLU B 169 22.45 21.99 -13.15
CA GLU B 169 22.42 22.05 -13.14
C GLU B 169 21.52 22.02 -11.92
C GLU B 169 21.50 21.99 -11.93
N PHE B 170 21.97 21.40 -10.84
CA PHE B 170 21.19 21.37 -9.60
C PHE B 170 20.95 22.79 -9.11
N ASP B 171 19.70 23.08 -8.73
CA ASP B 171 19.38 24.42 -8.25
C ASP B 171 18.27 24.37 -7.22
N ASP B 172 18.63 24.38 -5.94
CA ASP B 172 17.59 24.36 -4.91
C ASP B 172 16.72 25.61 -4.92
N ALA B 173 17.24 26.72 -5.46
CA ALA B 173 16.45 27.95 -5.52
C ALA B 173 15.26 27.86 -6.49
N LEU B 174 15.15 26.76 -7.23
CA LEU B 174 13.96 26.55 -8.08
C LEU B 174 12.72 26.48 -7.18
N LEU B 175 12.93 26.20 -5.90
CA LEU B 175 11.82 26.12 -4.93
C LEU B 175 11.48 27.46 -4.28
N GLN B 176 12.30 28.49 -4.54
CA GLN B 176 12.05 29.80 -3.93
C GLN B 176 10.67 30.32 -4.33
N GLY B 177 9.81 30.59 -3.34
CA GLY B 177 8.48 31.05 -3.62
C GLY B 177 7.52 30.02 -4.19
N ALA B 178 7.93 28.75 -4.15
CA ALA B 178 7.10 27.70 -4.75
C ALA B 178 5.84 27.34 -3.96
N ALA B 179 5.73 27.79 -2.71
CA ALA B 179 4.55 27.41 -1.91
C ALA B 179 3.77 28.65 -1.55
N GLN B 180 3.01 29.16 -2.50
CA GLN B 180 2.27 30.39 -2.20
C GLN B 180 0.77 30.19 -2.31
N GLY B 181 0.29 28.96 -2.46
CA GLY B 181 -1.14 28.74 -2.58
C GLY B 181 -1.87 28.65 -1.24
N GLU B 182 -3.15 28.33 -1.33
CA GLU B 182 -3.98 28.16 -0.16
C GLU B 182 -3.52 26.92 0.65
N GLU B 183 -3.93 26.86 1.91
CA GLU B 183 -3.55 25.75 2.79
C GLU B 183 -4.19 24.49 2.21
N VAL B 184 -3.38 23.45 1.96
CA VAL B 184 -3.91 22.17 1.47
C VAL B 184 -3.23 21.01 2.19
N SER B 185 -3.81 19.82 2.05
CA SER B 185 -3.12 18.58 2.36
C SER B 185 -3.21 17.82 1.07
N GLU B 186 -2.06 17.42 0.52
CA GLU B 186 -2.10 16.65 -0.72
C GLU B 186 -0.87 15.78 -0.90
N VAL B 187 -0.99 14.89 -1.86
CA VAL B 187 0.11 13.98 -2.19
C VAL B 187 0.40 14.11 -3.65
N LEU B 188 1.68 14.29 -3.97
CA LEU B 188 2.19 14.47 -5.33
C LEU B 188 3.24 13.43 -5.58
N HIS B 189 3.45 13.06 -6.84
CA HIS B 189 4.58 12.20 -7.15
C HIS B 189 5.18 12.46 -8.50
N SER B 190 6.39 11.96 -8.69
CA SER B 190 7.09 12.08 -9.96
C SER B 190 7.89 10.80 -10.18
N HIS B 191 8.02 10.40 -11.43
CA HIS B 191 8.90 9.28 -11.81
C HIS B 191 10.24 9.75 -12.38
N LEU B 192 10.54 11.05 -12.29
CA LEU B 192 11.65 11.61 -13.08
C LEU B 192 12.89 11.88 -12.26
N LEU B 193 12.97 11.25 -11.09
CA LEU B 193 14.17 11.42 -10.26
C LEU B 193 15.33 10.60 -10.83
N LYS B 194 16.48 11.23 -10.98
CA LYS B 194 17.66 10.58 -11.48
C LYS B 194 18.81 11.25 -10.77
N SER B 195 19.82 10.48 -10.42
CA SER B 195 21.05 11.08 -9.94
C SER B 195 22.20 10.25 -10.53
N ASN B 196 23.42 10.48 -10.07
CA ASN B 196 24.57 9.68 -10.52
C ASN B 196 25.47 9.18 -9.40
N GLN B 202 27.64 5.96 -13.23
CA GLN B 202 26.44 5.31 -13.77
C GLN B 202 25.13 5.86 -13.12
N PRO B 203 24.08 6.09 -13.93
CA PRO B 203 22.92 6.77 -13.36
C PRO B 203 22.08 5.91 -12.43
N ASP B 204 21.36 6.56 -11.53
N ASP B 204 21.31 6.57 -11.57
CA ASP B 204 20.38 5.90 -10.67
CA ASP B 204 20.34 5.89 -10.70
C ASP B 204 19.01 6.45 -11.05
C ASP B 204 18.97 6.54 -10.80
N TRP B 205 17.95 5.69 -10.82
CA TRP B 205 16.59 6.10 -11.25
C TRP B 205 15.61 5.93 -10.12
N GLY B 206 14.72 6.90 -9.92
CA GLY B 206 13.69 6.69 -8.91
C GLY B 206 12.42 7.44 -9.12
N SER B 207 11.40 7.04 -8.35
CA SER B 207 10.15 7.79 -8.28
C SER B 207 10.07 8.31 -6.85
N VAL B 208 9.41 9.45 -6.70
CA VAL B 208 9.35 10.09 -5.39
C VAL B 208 7.93 10.58 -5.13
N GLU B 209 7.48 10.36 -3.90
CA GLU B 209 6.15 10.73 -3.44
C GLU B 209 6.34 11.76 -2.32
N ILE B 210 5.61 12.87 -2.44
CA ILE B 210 5.69 13.98 -1.49
C ILE B 210 4.30 14.26 -0.99
N ALA B 211 4.10 14.03 0.30
CA ALA B 211 2.81 14.27 0.97
C ALA B 211 3.03 15.41 1.96
N TYR B 212 2.17 16.41 1.94
CA TYR B 212 2.39 17.52 2.87
C TYR B 212 1.09 18.20 3.24
N HIS B 213 1.17 18.96 4.31
CA HIS B 213 0.11 19.87 4.72
C HIS B 213 0.81 21.22 4.81
N GLY B 214 0.37 22.17 3.99
CA GLY B 214 0.94 23.53 3.99
C GLY B 214 0.40 24.32 2.82
N ALA B 215 1.08 25.44 2.53
CA ALA B 215 0.65 26.26 1.41
C ALA B 215 0.84 25.46 0.12
N LYS B 216 -0.15 25.50 -0.78
CA LYS B 216 -0.12 24.66 -1.99
C LYS B 216 1.12 24.96 -2.85
N ASN B 218 3.64 24.99 -6.14
CA ASN B 218 3.65 25.13 -7.59
C ASN B 218 4.26 23.86 -8.21
N ARG B 219 3.49 23.15 -9.02
N ARG B 219 3.47 23.19 -9.05
CA ARG B 219 3.97 21.89 -9.59
CA ARG B 219 3.82 21.92 -9.67
C ARG B 219 5.09 22.06 -10.59
C ARG B 219 5.00 22.04 -10.64
N GLU B 220 5.08 23.16 -11.35
CA GLU B 220 6.19 23.39 -12.27
C GLU B 220 7.52 23.56 -11.51
N ALA B 221 7.48 24.35 -10.45
CA ALA B 221 8.69 24.57 -9.65
C ALA B 221 9.19 23.26 -9.07
N LEU B 222 8.24 22.51 -8.55
CA LEU B 222 8.61 21.24 -7.96
C LEU B 222 9.23 20.26 -8.97
N LEU B 223 8.60 20.16 -10.13
CA LEU B 223 9.13 19.28 -11.18
C LEU B 223 10.53 19.77 -11.62
N ARG B 224 10.68 21.08 -11.88
CA ARG B 224 12.02 21.59 -12.25
C ARG B 224 13.08 21.25 -11.21
N TYR B 225 12.72 21.42 -9.93
CA TYR B 225 13.64 21.15 -8.85
C TYR B 225 14.07 19.70 -8.92
N LEU B 226 13.10 18.80 -9.04
CA LEU B 226 13.45 17.36 -9.07
C LEU B 226 14.31 16.99 -10.30
N VAL B 227 13.94 17.54 -11.46
CA VAL B 227 14.74 17.31 -12.66
C VAL B 227 16.16 17.82 -12.51
N SER B 228 16.35 18.85 -11.69
CA SER B 228 17.69 19.41 -11.54
C SER B 228 18.69 18.52 -10.81
N PHE B 229 18.21 17.43 -10.19
CA PHE B 229 19.13 16.39 -9.63
C PHE B 229 19.87 15.55 -10.66
N ARG B 230 19.47 15.63 -11.93
CA ARG B 230 19.86 14.63 -12.97
C ARG B 230 21.37 14.39 -13.02
N GLU B 231 22.17 15.42 -12.78
CA GLU B 231 23.63 15.28 -12.96
C GLU B 231 24.32 15.52 -11.61
N HIS B 232 23.53 15.42 -10.55
CA HIS B 232 24.05 15.53 -9.20
C HIS B 232 24.51 14.19 -8.67
N ASN B 233 25.55 14.20 -7.85
CA ASN B 233 26.09 13.00 -7.22
C ASN B 233 25.87 13.02 -5.70
N GLU B 234 24.95 12.18 -5.23
CA GLU B 234 24.92 11.77 -3.83
C GLU B 234 24.13 10.48 -3.72
N PHE B 235 24.19 9.87 -2.54
CA PHE B 235 23.47 8.62 -2.31
C PHE B 235 21.97 8.84 -2.25
N HIS B 236 21.22 7.77 -2.43
CA HIS B 236 19.76 7.84 -2.44
C HIS B 236 19.25 8.43 -1.12
N GLU B 237 19.82 7.92 -0.03
CA GLU B 237 19.41 8.35 1.32
C GLU B 237 19.66 9.83 1.50
N GLN B 238 20.79 10.29 0.96
CA GLN B 238 21.20 11.71 0.99
C GLN B 238 20.32 12.58 0.09
N CYS B 239 20.00 12.08 -1.11
N CYS B 239 19.99 12.10 -1.11
CA CYS B 239 19.11 12.77 -2.03
CA CYS B 239 19.11 12.86 -2.00
C CYS B 239 17.82 13.07 -1.31
C CYS B 239 17.75 13.07 -1.37
N VAL B 240 17.24 12.04 -0.70
CA VAL B 240 15.91 12.16 -0.08
C VAL B 240 15.98 13.18 1.04
N GLU B 241 17.05 13.13 1.82
CA GLU B 241 17.18 14.11 2.92
C GLU B 241 17.35 15.54 2.40
N ARG B 242 18.03 15.66 1.27
CA ARG B 242 18.14 16.98 0.63
C ARG B 242 16.78 17.49 0.11
N ILE B 243 16.02 16.60 -0.52
CA ILE B 243 14.67 16.97 -0.97
C ILE B 243 13.84 17.42 0.22
N PHE B 244 13.89 16.63 1.31
CA PHE B 244 13.08 16.94 2.49
C PHE B 244 13.48 18.33 3.03
N THR B 245 14.79 18.53 3.23
CA THR B 245 15.23 19.77 3.89
C THR B 245 15.07 20.98 2.97
N ASP B 246 15.21 20.80 1.67
CA ASP B 246 14.95 21.91 0.73
C ASP B 246 13.48 22.31 0.70
N ILE B 247 12.60 21.31 0.64
CA ILE B 247 11.16 21.61 0.71
C ILE B 247 10.83 22.29 2.01
N ARG B 249 12.63 24.15 3.94
N ARG B 249 12.79 24.15 3.98
CA ARG B 249 13.12 25.52 4.12
CA ARG B 249 13.31 25.52 4.00
C ARG B 249 12.60 26.52 3.09
C ARG B 249 12.43 26.43 3.15
N TYR B 250 12.23 26.05 1.89
CA TYR B 250 11.66 26.95 0.88
C TYR B 250 10.14 27.01 0.91
N CYS B 251 9.52 25.88 1.28
CA CYS B 251 8.06 25.75 1.20
C CYS B 251 7.37 25.80 2.55
N GLN B 252 8.12 25.50 3.60
N GLN B 252 8.17 25.60 3.60
CA GLN B 252 7.64 25.65 4.98
CA GLN B 252 7.72 25.56 5.01
C GLN B 252 6.32 24.93 5.29
C GLN B 252 6.32 24.96 5.19
N PRO B 253 6.15 23.68 4.79
CA PRO B 253 4.89 23.02 5.10
C PRO B 253 4.81 22.74 6.60
N GLN B 254 3.60 22.56 7.14
CA GLN B 254 3.46 22.20 8.54
C GLN B 254 3.91 20.79 8.82
N SER B 255 3.69 19.92 7.85
CA SER B 255 4.18 18.56 7.94
C SER B 255 4.47 18.05 6.54
N LEU B 256 5.41 17.11 6.47
CA LEU B 256 5.99 16.73 5.19
C LEU B 256 6.46 15.28 5.27
N THR B 257 6.21 14.56 4.18
CA THR B 257 6.74 13.21 4.02
C THR B 257 7.30 13.09 2.62
N VAL B 258 8.52 12.57 2.53
CA VAL B 258 9.19 12.32 1.27
C VAL B 258 9.62 10.86 1.22
N TYR B 259 9.17 10.15 0.17
CA TYR B 259 9.43 8.69 0.12
C TYR B 259 9.85 8.42 -1.30
N ALA B 260 11.09 7.97 -1.49
CA ALA B 260 11.57 7.68 -2.85
C ALA B 260 11.80 6.19 -2.99
N ARG B 261 11.56 5.70 -4.18
CA ARG B 261 11.77 4.29 -4.47
C ARG B 261 12.63 4.18 -5.70
N TYR B 262 13.85 3.71 -5.49
CA TYR B 262 14.85 3.67 -6.55
C TYR B 262 14.96 2.29 -7.18
N THR B 263 15.40 2.27 -8.46
CA THR B 263 15.64 0.97 -9.08
C THR B 263 16.93 0.35 -8.50
N ARG B 264 16.98 -0.98 -8.55
CA ARG B 264 18.10 -1.69 -7.93
C ARG B 264 19.41 -1.46 -8.66
N ARG B 265 20.48 -1.62 -7.89
CA ARG B 265 21.84 -1.70 -8.40
C ARG B 265 22.48 -2.88 -7.71
N GLY B 266 23.07 -3.78 -8.49
CA GLY B 266 23.73 -4.92 -7.87
C GLY B 266 22.76 -5.83 -7.14
N GLY B 267 21.50 -5.84 -7.57
CA GLY B 267 20.52 -6.81 -7.07
C GLY B 267 19.80 -6.33 -5.82
N LEU B 268 20.09 -5.10 -5.38
CA LEU B 268 19.33 -4.57 -4.27
C LEU B 268 18.91 -3.11 -4.49
N ASP B 269 17.75 -2.78 -3.93
CA ASP B 269 17.29 -1.39 -4.01
C ASP B 269 17.09 -0.76 -2.67
N ILE B 270 17.06 0.58 -2.69
CA ILE B 270 16.95 1.40 -1.47
C ILE B 270 15.77 2.30 -1.65
N ASN B 271 14.99 2.48 -0.59
CA ASN B 271 13.70 3.23 -0.66
C ASN B 271 13.68 4.09 0.61
N PRO B 272 14.35 5.26 0.57
CA PRO B 272 14.42 6.10 1.79
C PRO B 272 13.11 6.80 2.06
N PHE B 273 12.72 6.80 3.33
CA PHE B 273 11.47 7.41 3.77
C PHE B 273 11.87 8.42 4.86
N ARG B 274 11.44 9.67 4.70
CA ARG B 274 11.72 10.71 5.70
C ARG B 274 10.44 11.51 5.94
N SER B 275 10.09 11.70 7.20
CA SER B 275 8.80 12.33 7.53
C SER B 275 8.89 13.18 8.76
N SER B 276 8.12 14.25 8.81
N SER B 276 8.10 14.24 8.80
CA SER B 276 7.98 15.03 10.07
CA SER B 276 8.06 15.07 10.00
C SER B 276 7.49 14.12 11.20
C SER B 276 7.26 14.43 11.16
N HIS B 277 6.43 13.39 10.89
CA HIS B 277 5.66 12.69 11.94
C HIS B 277 5.59 11.16 11.87
N GLN B 278 5.84 10.61 10.68
CA GLN B 278 5.64 9.17 10.52
C GLN B 278 6.97 8.44 10.60
N SER B 279 7.01 7.23 11.13
CA SER B 279 8.29 6.54 11.28
C SER B 279 8.58 5.54 10.16
N ALA B 280 7.55 5.19 9.39
CA ALA B 280 7.69 4.16 8.34
C ALA B 280 6.55 4.39 7.37
N PRO B 281 6.75 3.97 6.12
CA PRO B 281 5.67 4.01 5.14
C PRO B 281 4.61 2.96 5.50
N ASN B 282 3.36 3.13 5.10
CA ASN B 282 2.33 2.11 5.44
C ASN B 282 2.06 1.16 4.29
N HIS B 283 3.07 1.06 3.42
CA HIS B 283 3.07 0.16 2.26
C HIS B 283 4.54 -0.04 1.83
N ASN B 284 4.83 -1.21 1.27
CA ASN B 284 6.16 -1.52 0.73
C ASN B 284 5.99 -2.51 -0.42
N GLN B 285 5.70 -1.96 -1.59
N GLN B 285 5.55 -2.02 -1.56
CA GLN B 285 5.28 -2.70 -2.77
CA GLN B 285 5.41 -2.87 -2.75
C GLN B 285 6.12 -2.20 -3.95
C GLN B 285 6.22 -2.26 -3.87
N ARG B 286 6.54 -3.09 -4.85
CA ARG B 286 7.48 -2.64 -5.87
C ARG B 286 6.75 -1.89 -6.97
N ALA B 288 7.02 -0.09 -11.06
CA ALA B 288 7.21 -0.69 -12.41
C ALA B 288 8.68 -0.94 -12.74
N ARG B 289 9.53 0.05 -12.48
CA ARG B 289 10.93 -0.10 -12.89
C ARG B 289 11.76 -0.88 -11.88
N GLN B 290 11.20 -1.12 -10.69
CA GLN B 290 11.96 -1.78 -9.62
C GLN B 290 12.02 -3.29 -9.88
N ASN C 32 -15.51 2.48 36.41
CA ASN C 32 -15.06 3.36 35.29
C ASN C 32 -13.57 3.19 34.95
N GLN C 33 -12.89 2.24 35.59
CA GLN C 33 -11.44 2.09 35.44
C GLN C 33 -11.04 0.90 34.55
N TYR C 34 -9.78 0.93 34.13
CA TYR C 34 -9.18 -0.08 33.27
C TYR C 34 -9.56 -1.49 33.72
N ASP C 35 -10.07 -2.30 32.80
CA ASP C 35 -10.61 -3.62 33.18
C ASP C 35 -10.45 -4.64 32.03
N PRO C 36 -9.36 -5.41 32.05
CA PRO C 36 -9.15 -6.46 31.05
C PRO C 36 -10.21 -7.56 31.02
N SER C 37 -11.01 -7.71 32.07
CA SER C 37 -12.01 -8.79 32.07
C SER C 37 -13.18 -8.52 31.13
N LEU C 38 -13.21 -7.30 30.59
CA LEU C 38 -14.26 -6.94 29.63
C LEU C 38 -14.07 -7.64 28.29
N LEU C 39 -12.83 -8.01 27.96
CA LEU C 39 -12.54 -8.70 26.68
C LEU C 39 -13.20 -10.07 26.64
N GLN C 40 -13.86 -10.38 25.53
N GLN C 40 -13.90 -10.37 25.54
CA GLN C 40 -14.47 -11.71 25.35
CA GLN C 40 -14.48 -11.70 25.33
C GLN C 40 -13.94 -12.42 24.11
C GLN C 40 -13.80 -12.35 24.12
N PRO C 41 -13.24 -13.55 24.31
CA PRO C 41 -12.75 -14.32 23.15
C PRO C 41 -13.90 -15.09 22.49
N VAL C 42 -13.73 -15.37 21.21
CA VAL C 42 -14.60 -16.29 20.48
C VAL C 42 -13.65 -17.26 19.77
N PRO C 43 -13.85 -18.55 19.95
CA PRO C 43 -12.89 -19.46 19.37
C PRO C 43 -13.03 -19.53 17.84
N ARG C 44 -11.90 -19.46 17.12
CA ARG C 44 -11.93 -19.59 15.66
C ARG C 44 -12.46 -20.96 15.23
N SER C 45 -12.37 -21.94 16.12
CA SER C 45 -12.76 -23.31 15.77
C SER C 45 -14.25 -23.44 15.41
N LEU C 46 -15.08 -22.55 15.93
CA LEU C 46 -16.52 -22.67 15.69
C LEU C 46 -16.84 -22.67 14.22
N ASN C 47 -16.46 -21.60 13.56
CA ASN C 47 -16.70 -21.49 12.13
C ASN C 47 -15.78 -22.38 11.30
N ARG C 48 -14.56 -22.63 11.76
CA ARG C 48 -13.66 -23.45 10.98
C ARG C 48 -14.16 -24.88 10.88
N ASN C 49 -14.74 -25.36 11.96
CA ASN C 49 -15.37 -26.66 11.93
C ASN C 49 -16.53 -26.65 10.95
N ASP C 50 -17.28 -25.55 10.90
CA ASP C 50 -18.38 -25.41 9.94
C ASP C 50 -17.92 -25.39 8.47
N LEU C 51 -16.70 -24.89 8.23
CA LEU C 51 -16.06 -24.90 6.89
C LEU C 51 -15.39 -26.20 6.53
N HIS C 52 -15.44 -27.18 7.44
CA HIS C 52 -14.85 -28.49 7.20
C HIS C 52 -13.33 -28.45 7.15
N LEU C 53 -12.72 -27.57 7.94
CA LEU C 53 -11.25 -27.43 7.95
C LEU C 53 -10.60 -28.34 8.96
N SER C 54 -9.40 -28.82 8.61
CA SER C 54 -8.53 -29.48 9.57
C SER C 54 -7.96 -28.42 10.50
N ALA C 55 -7.47 -28.86 11.66
CA ALA C 55 -6.70 -27.98 12.54
C ALA C 55 -5.41 -27.55 11.80
N THR C 56 -5.00 -28.31 10.77
CA THR C 56 -3.93 -27.86 9.84
C THR C 56 -4.48 -26.92 8.72
N LEU C 57 -4.29 -25.61 8.87
CA LEU C 57 -5.06 -24.65 8.06
C LEU C 57 -4.59 -24.58 6.62
N PRO C 58 -5.52 -24.34 5.66
CA PRO C 58 -5.14 -24.14 4.28
C PRO C 58 -4.69 -22.70 3.98
N PHE C 59 -4.61 -21.87 5.01
CA PHE C 59 -4.20 -20.48 4.81
C PHE C 59 -3.35 -20.04 5.99
N GLN C 60 -2.64 -18.94 5.77
CA GLN C 60 -2.05 -18.20 6.85
C GLN C 60 -2.59 -16.79 6.80
N GLY C 61 -2.24 -15.99 7.78
CA GLY C 61 -2.65 -14.59 7.73
C GLY C 61 -2.85 -14.02 9.10
N CYS C 62 -3.71 -13.01 9.14
CA CYS C 62 -3.90 -12.20 10.32
C CYS C 62 -5.13 -11.38 10.21
N ASP C 63 -5.62 -10.91 11.35
CA ASP C 63 -6.71 -9.94 11.37
C ASP C 63 -6.11 -8.60 11.82
N ILE C 64 -6.24 -7.61 10.95
N ILE C 64 -6.26 -7.60 10.96
CA ILE C 64 -5.69 -6.29 11.24
CA ILE C 64 -5.70 -6.28 11.21
C ILE C 64 -6.86 -5.46 11.73
C ILE C 64 -6.84 -5.39 11.69
N TRP C 65 -6.71 -4.85 12.90
CA TRP C 65 -7.78 -4.02 13.46
C TRP C 65 -7.28 -2.60 13.53
N THR C 66 -8.19 -1.65 13.30
CA THR C 66 -7.87 -0.23 13.54
C THR C 66 -8.76 0.27 14.66
N LEU C 67 -8.12 0.89 15.66
CA LEU C 67 -8.83 1.38 16.86
C LEU C 67 -8.84 2.89 16.78
N TYR C 68 -9.93 3.44 16.23
CA TYR C 68 -9.94 4.87 15.94
C TYR C 68 -10.17 5.75 17.17
N GLU C 69 -10.59 5.15 18.28
CA GLU C 69 -11.07 5.90 19.45
C GLU C 69 -10.28 5.67 20.73
N LEU C 70 -9.05 5.28 20.58
CA LEU C 70 -8.19 4.96 21.71
C LEU C 70 -7.88 6.25 22.49
N SER C 71 -8.22 6.26 23.77
CA SER C 71 -8.00 7.45 24.60
C SER C 71 -7.87 7.06 26.06
N TRP C 72 -6.97 7.76 26.73
CA TRP C 72 -6.68 7.50 28.14
C TRP C 72 -6.23 8.80 28.75
N LEU C 73 -5.81 8.79 30.02
CA LEU C 73 -5.31 10.00 30.69
C LEU C 73 -3.82 9.83 30.96
N ASN C 74 -3.06 10.92 30.82
CA ASN C 74 -1.64 10.85 31.16
C ASN C 74 -1.46 10.87 32.69
N GLN C 75 -0.20 10.87 33.12
N GLN C 75 -0.24 10.96 33.16
CA GLN C 75 0.19 10.75 34.54
CA GLN C 75 -0.04 10.92 34.60
C GLN C 75 -0.57 11.77 35.41
C GLN C 75 -0.50 12.23 35.27
N LYS C 76 -0.89 12.90 34.79
N LYS C 76 -0.75 13.27 34.48
CA LYS C 76 -1.44 14.11 35.46
CA LYS C 76 -1.37 14.47 35.04
C LYS C 76 -2.92 14.37 35.11
C LYS C 76 -2.89 14.54 34.79
N GLY C 77 -3.53 13.42 34.41
CA GLY C 77 -4.99 13.45 34.13
C GLY C 77 -5.40 14.14 32.83
N LEU C 78 -4.45 14.55 32.00
CA LEU C 78 -4.78 15.21 30.74
C LEU C 78 -5.06 14.13 29.68
N PRO C 79 -6.25 14.20 29.06
CA PRO C 79 -6.53 13.19 28.03
C PRO C 79 -5.50 13.12 26.91
N GLN C 80 -5.26 11.88 26.46
CA GLN C 80 -4.43 11.53 25.34
C GLN C 80 -5.34 10.82 24.32
N VAL C 81 -5.07 11.03 23.04
CA VAL C 81 -5.82 10.31 21.98
C VAL C 81 -4.83 9.75 20.97
N ALA C 82 -5.18 8.60 20.42
CA ALA C 82 -4.27 7.90 19.48
C ALA C 82 -5.14 7.01 18.60
N ILE C 83 -4.52 6.52 17.55
CA ILE C 83 -5.11 5.43 16.76
C ILE C 83 -4.28 4.19 16.99
N GLY C 84 -4.96 3.08 17.32
CA GLY C 84 -4.25 1.81 17.52
C GLY C 84 -4.30 1.00 16.23
N GLU C 85 -3.20 0.31 15.93
CA GLU C 85 -3.14 -0.61 14.80
C GLU C 85 -2.72 -1.94 15.41
N VAL C 86 -3.60 -2.94 15.31
CA VAL C 86 -3.41 -4.23 15.99
C VAL C 86 -3.38 -5.33 14.93
N SER C 87 -2.50 -6.30 15.07
CA SER C 87 -2.51 -7.46 14.20
C SER C 87 -2.63 -8.71 15.03
N ILE C 88 -3.65 -9.52 14.75
CA ILE C 88 -3.90 -10.77 15.50
C ILE C 88 -3.62 -11.94 14.56
N PRO C 89 -2.67 -12.80 14.92
CA PRO C 89 -2.36 -13.92 14.01
C PRO C 89 -3.55 -14.82 13.73
N ALA C 90 -3.73 -15.23 12.45
CA ALA C 90 -4.82 -16.15 12.13
C ALA C 90 -4.71 -17.51 12.81
N THR C 91 -3.53 -17.83 13.36
CA THR C 91 -3.33 -19.08 14.10
C THR C 91 -3.75 -18.96 15.56
N SER C 92 -4.14 -17.76 16.02
CA SER C 92 -4.55 -17.64 17.41
C SER C 92 -5.79 -18.50 17.66
N ALA C 93 -5.91 -19.04 18.87
CA ALA C 93 -7.08 -19.86 19.16
C ALA C 93 -8.38 -19.08 19.03
N ASN C 94 -8.32 -17.80 19.43
CA ASN C 94 -9.52 -16.98 19.52
C ASN C 94 -9.39 -15.71 18.73
N LEU C 95 -10.51 -15.26 18.21
CA LEU C 95 -10.65 -13.89 17.84
C LEU C 95 -11.24 -13.12 19.01
N ILE C 96 -11.21 -11.81 18.94
CA ILE C 96 -11.75 -10.97 20.00
C ILE C 96 -13.08 -10.41 19.57
N GLU C 97 -14.11 -10.58 20.39
CA GLU C 97 -15.42 -10.09 19.99
C GLU C 97 -15.44 -8.55 20.03
N SER C 98 -15.85 -7.95 18.91
N SER C 98 -15.98 -7.95 18.96
CA SER C 98 -15.58 -6.52 18.67
CA SER C 98 -15.89 -6.51 18.77
C SER C 98 -16.20 -5.59 19.69
C SER C 98 -16.59 -5.66 19.81
N LYS C 99 -17.44 -5.87 20.11
N LYS C 99 -17.78 -6.03 20.24
CA LYS C 99 -18.09 -4.98 21.12
CA LYS C 99 -18.44 -5.20 21.26
C LYS C 99 -17.36 -5.09 22.45
C LYS C 99 -17.63 -5.17 22.54
N SER C 100 -17.03 -6.31 22.87
CA SER C 100 -16.21 -6.45 24.09
C SER C 100 -14.88 -5.67 23.98
N PHE C 101 -14.31 -5.66 22.79
CA PHE C 101 -13.07 -4.93 22.50
C PHE C 101 -13.34 -3.43 22.72
N LYS C 102 -14.44 -2.91 22.15
N LYS C 102 -14.44 -2.90 22.18
CA LYS C 102 -14.88 -1.52 22.41
CA LYS C 102 -14.83 -1.50 22.41
C LYS C 102 -14.96 -1.21 23.90
C LYS C 102 -14.98 -1.19 23.90
N LEU C 103 -15.69 -2.04 24.63
CA LEU C 103 -15.92 -1.79 26.08
C LEU C 103 -14.60 -1.81 26.84
N TYR C 104 -13.73 -2.77 26.48
CA TYR C 104 -12.41 -2.83 27.07
C TYR C 104 -11.64 -1.51 26.80
N LEU C 105 -11.66 -1.04 25.55
CA LEU C 105 -10.93 0.17 25.24
C LEU C 105 -11.52 1.37 26.02
N ASN C 106 -12.84 1.42 26.14
CA ASN C 106 -13.48 2.52 26.89
C ASN C 106 -13.00 2.55 28.34
N SER C 107 -12.66 1.38 28.87
CA SER C 107 -12.18 1.33 30.26
C SER C 107 -10.86 2.09 30.45
N TYR C 108 -10.16 2.40 29.35
CA TYR C 108 -8.94 3.20 29.42
C TYR C 108 -9.25 4.67 29.63
N ASN C 109 -10.45 5.10 29.28
CA ASN C 109 -10.68 6.52 29.06
C ASN C 109 -10.47 7.41 30.27
N GLN C 110 -10.74 6.89 31.46
CA GLN C 110 -10.59 7.69 32.71
C GLN C 110 -9.47 7.14 33.56
N THR C 111 -8.56 6.40 32.92
CA THR C 111 -7.41 5.80 33.66
C THR C 111 -6.12 6.51 33.32
N ARG C 112 -5.38 6.90 34.37
CA ARG C 112 -4.13 7.52 34.14
C ARG C 112 -3.11 6.44 33.86
N PHE C 113 -2.31 6.68 32.82
CA PHE C 113 -1.20 5.81 32.50
C PHE C 113 0.04 6.63 32.45
N ALA C 114 1.08 6.02 32.98
CA ALA C 114 2.36 6.64 33.09
C ALA C 114 2.96 7.19 31.80
N SER C 115 2.75 6.51 30.65
CA SER C 115 3.35 6.90 29.38
C SER C 115 2.61 6.17 28.24
N TRP C 116 2.83 6.59 26.99
CA TRP C 116 2.27 5.87 25.83
C TRP C 116 2.82 4.48 25.75
N ASP C 117 4.10 4.30 26.14
CA ASP C 117 4.65 2.94 26.19
C ASP C 117 3.90 1.99 27.13
N GLU C 118 3.48 2.50 28.30
CA GLU C 118 2.68 1.70 29.23
C GLU C 118 1.40 1.26 28.56
N VAL C 119 0.71 2.16 27.86
CA VAL C 119 -0.53 1.82 27.17
C VAL C 119 -0.29 0.71 26.14
N GLN C 120 0.74 0.86 25.33
N GLN C 120 0.76 0.87 25.34
CA GLN C 120 1.03 -0.15 24.32
CA GLN C 120 1.07 -0.08 24.28
C GLN C 120 1.25 -1.49 25.01
C GLN C 120 1.42 -1.46 24.88
N THR C 121 2.06 -1.45 26.07
CA THR C 121 2.39 -2.68 26.80
C THR C 121 1.14 -3.41 27.32
N ARG C 122 0.23 -2.65 27.91
N ARG C 122 0.23 -2.63 27.90
CA ARG C 122 -0.97 -3.24 28.46
CA ARG C 122 -1.01 -3.18 28.47
C ARG C 122 -1.78 -3.84 27.32
C ARG C 122 -1.89 -3.77 27.37
N LEU C 123 -1.94 -3.09 26.23
CA LEU C 123 -2.73 -3.59 25.07
C LEU C 123 -2.13 -4.91 24.56
N VAL C 124 -0.82 -4.96 24.33
CA VAL C 124 -0.20 -6.19 23.87
C VAL C 124 -0.49 -7.30 24.88
N HIS C 125 -0.33 -7.04 26.18
CA HIS C 125 -0.49 -8.10 27.17
C HIS C 125 -1.93 -8.66 27.17
N ASP C 126 -2.90 -7.76 27.17
CA ASP C 126 -4.30 -8.14 27.35
C ASP C 126 -4.85 -8.79 26.09
N LEU C 127 -4.51 -8.18 24.95
CA LEU C 127 -5.03 -8.71 23.70
C LEU C 127 -4.40 -10.04 23.35
N SER C 128 -3.11 -10.20 23.67
CA SER C 128 -2.44 -11.47 23.43
C SER C 128 -3.05 -12.55 24.32
N ALA C 129 -3.34 -12.21 25.58
CA ALA C 129 -3.90 -13.23 26.49
C ALA C 129 -5.28 -13.67 25.99
N CYS C 130 -6.07 -12.71 25.47
CA CYS C 130 -7.44 -13.01 25.04
C CYS C 130 -7.40 -13.84 23.73
N ALA C 131 -6.53 -13.45 22.78
CA ALA C 131 -6.48 -14.16 21.49
C ALA C 131 -5.81 -15.52 21.60
N GLY C 132 -4.91 -15.63 22.57
CA GLY C 132 -4.14 -16.85 22.80
C GLY C 132 -2.81 -16.95 22.09
N GLU C 133 -2.35 -15.85 21.49
CA GLU C 133 -1.07 -15.80 20.79
C GLU C 133 -0.66 -14.34 20.77
N THR C 134 0.63 -14.08 20.65
CA THR C 134 1.12 -12.71 20.71
C THR C 134 0.54 -11.86 19.61
N VAL C 135 -0.06 -10.75 20.05
N VAL C 135 0.05 -10.69 19.97
CA VAL C 135 -0.70 -9.76 19.17
CA VAL C 135 -0.45 -9.78 18.93
C VAL C 135 0.26 -8.56 19.13
C VAL C 135 0.53 -8.61 18.79
N THR C 136 0.46 -8.00 17.93
N THR C 136 0.40 -7.88 17.68
CA THR C 136 1.25 -6.76 17.77
CA THR C 136 1.23 -6.71 17.46
C THR C 136 0.33 -5.55 17.85
C THR C 136 0.37 -5.46 17.67
N VAL C 137 0.86 -4.48 18.43
CA VAL C 137 0.11 -3.28 18.67
C VAL C 137 1.02 -2.09 18.41
N ASN C 138 0.53 -1.15 17.61
N ASN C 138 0.51 -1.20 17.58
CA ASN C 138 1.23 0.11 17.39
CA ASN C 138 1.11 0.10 17.34
C ASN C 138 0.28 1.26 17.72
C ASN C 138 0.15 1.14 17.89
N VAL C 139 0.65 2.05 18.72
CA VAL C 139 -0.17 3.16 19.16
C VAL C 139 0.38 4.42 18.48
N LYS C 140 -0.41 4.98 17.55
CA LYS C 140 0.04 6.09 16.71
C LYS C 140 -0.60 7.41 17.09
N SER C 141 0.22 8.46 17.17
N SER C 141 0.22 8.46 17.16
CA SER C 141 -0.35 9.78 17.43
CA SER C 141 -0.27 9.82 17.36
C SER C 141 -1.13 10.25 16.20
C SER C 141 -1.15 10.22 16.19
N LEU C 142 -2.10 11.13 16.43
CA LEU C 142 -2.99 11.52 15.35
C LEU C 142 -2.26 12.21 14.20
N ASN C 143 -1.15 12.90 14.53
CA ASN C 143 -0.43 13.62 13.47
C ASN C 143 0.30 12.68 12.53
N GLU C 144 0.40 11.38 12.89
CA GLU C 144 0.96 10.40 11.92
C GLU C 144 0.05 10.22 10.69
N TYR C 145 -1.19 10.75 10.75
CA TYR C 145 -2.16 10.56 9.69
C TYR C 145 -2.37 11.82 8.88
N THR C 146 -1.77 12.94 9.29
CA THR C 146 -1.98 14.15 8.52
C THR C 146 -1.44 13.98 7.10
N ALA C 147 -2.30 14.31 6.11
CA ALA C 147 -2.00 14.20 4.67
C ALA C 147 -1.78 12.76 4.21
N GLU C 148 -2.22 11.78 5.01
N GLU C 148 -2.23 11.78 5.00
CA GLU C 148 -2.30 10.42 4.51
CA GLU C 148 -2.23 10.39 4.52
C GLU C 148 -3.44 10.33 3.51
C GLU C 148 -3.43 10.18 3.60
N PRO C 149 -3.18 9.74 2.35
CA PRO C 149 -4.26 9.56 1.41
C PRO C 149 -5.14 8.34 1.61
N ILE C 150 -6.41 8.49 1.23
N ILE C 150 -6.41 8.49 1.25
CA ILE C 150 -7.33 7.38 1.11
CA ILE C 150 -7.32 7.37 1.17
C ILE C 150 -6.94 6.53 -0.09
C ILE C 150 -6.91 6.53 -0.05
N VAL C 151 -6.99 5.21 0.10
CA VAL C 151 -6.63 4.30 -0.99
C VAL C 151 -7.81 3.49 -1.48
N THR C 152 -7.72 2.99 -2.72
CA THR C 152 -8.62 1.93 -3.14
C THR C 152 -7.85 0.61 -3.18
N GLN C 154 -6.40 -2.99 -5.19
N GLN C 154 -6.21 -2.84 -5.20
CA GLN C 154 -5.57 -3.26 -6.36
CA GLN C 154 -5.47 -2.99 -6.46
C GLN C 154 -6.30 -3.98 -7.46
C GLN C 154 -6.21 -3.91 -7.42
N GLY C 155 -5.81 -3.80 -8.67
CA GLY C 155 -6.34 -4.59 -9.78
C GLY C 155 -7.66 -4.07 -10.27
N GLU C 156 -8.41 -4.98 -10.87
N GLU C 156 -8.39 -4.93 -10.96
CA GLU C 156 -9.64 -4.71 -11.57
CA GLU C 156 -9.63 -4.55 -11.61
C GLU C 156 -10.85 -4.74 -10.60
C GLU C 156 -10.85 -4.72 -10.70
N CYS C 157 -11.62 -3.66 -10.56
CA CYS C 157 -12.92 -3.70 -9.87
C CYS C 157 -13.90 -4.50 -10.72
N ILE C 158 -14.64 -5.43 -10.11
CA ILE C 158 -15.58 -6.27 -10.85
C ILE C 158 -17.05 -5.81 -10.75
N ASP C 159 -17.28 -4.67 -10.12
CA ASP C 159 -18.63 -4.28 -9.73
C ASP C 159 -19.47 -3.73 -10.86
N ASP C 160 -18.83 -3.22 -11.89
N ASP C 160 -18.87 -3.20 -11.91
CA ASP C 160 -19.57 -2.56 -12.99
CA ASP C 160 -19.65 -2.47 -12.92
C ASP C 160 -20.01 -3.59 -14.01
C ASP C 160 -20.22 -3.35 -14.04
N GLN C 161 -21.05 -4.32 -13.64
CA GLN C 161 -21.63 -5.32 -14.55
C GLN C 161 -23.11 -5.08 -14.70
N ASP C 162 -23.61 -5.20 -15.93
CA ASP C 162 -25.02 -4.98 -16.24
C ASP C 162 -25.80 -6.27 -16.05
N ILE C 163 -25.90 -6.70 -14.81
CA ILE C 163 -26.52 -7.96 -14.46
C ILE C 163 -27.71 -7.76 -13.52
N GLU C 164 -28.64 -8.72 -13.56
CA GLU C 164 -29.80 -8.75 -12.67
C GLU C 164 -29.60 -9.74 -11.54
N ILE C 165 -29.90 -9.30 -10.33
CA ILE C 165 -29.88 -10.18 -9.17
C ILE C 165 -31.36 -10.43 -8.80
N ALA C 166 -31.77 -11.70 -8.88
CA ALA C 166 -33.18 -12.11 -8.69
C ALA C 166 -33.47 -12.66 -7.30
N ASN C 167 -32.43 -12.91 -6.52
CA ASN C 167 -32.65 -13.18 -5.11
C ASN C 167 -31.34 -13.09 -4.35
N TYR C 168 -31.45 -12.99 -3.03
CA TYR C 168 -30.31 -12.61 -2.19
C TYR C 168 -29.85 -13.69 -1.23
N GLU C 169 -30.27 -14.93 -1.47
N GLU C 169 -30.27 -14.93 -1.49
CA GLU C 169 -29.86 -16.05 -0.64
CA GLU C 169 -29.88 -16.09 -0.67
C GLU C 169 -28.40 -16.40 -0.90
C GLU C 169 -28.41 -16.45 -0.90
N PHE C 170 -27.65 -16.71 0.16
CA PHE C 170 -26.28 -17.16 0.02
C PHE C 170 -26.21 -18.46 -0.77
N ASP C 171 -25.28 -18.51 -1.73
CA ASP C 171 -25.20 -19.68 -2.61
C ASP C 171 -23.73 -19.89 -3.06
N ASP C 172 -23.01 -20.73 -2.35
CA ASP C 172 -21.61 -20.98 -2.70
C ASP C 172 -21.50 -21.64 -4.10
N ALA C 173 -22.57 -22.31 -4.56
CA ALA C 173 -22.49 -22.99 -5.85
C ALA C 173 -22.50 -21.99 -7.00
N LEU C 174 -22.64 -20.70 -6.73
CA LEU C 174 -22.48 -19.68 -7.77
C LEU C 174 -21.05 -19.77 -8.35
N LEU C 175 -20.13 -20.35 -7.58
CA LEU C 175 -18.74 -20.48 -8.03
C LEU C 175 -18.48 -21.77 -8.83
N GLN C 176 -19.47 -22.66 -8.92
CA GLN C 176 -19.30 -23.93 -9.63
C GLN C 176 -18.92 -23.66 -11.07
N GLY C 177 -17.78 -24.17 -11.51
CA GLY C 177 -17.34 -23.90 -12.85
C GLY C 177 -16.88 -22.50 -13.16
N ALA C 178 -16.71 -21.68 -12.13
CA ALA C 178 -16.31 -20.27 -12.33
C ALA C 178 -14.86 -20.09 -12.81
N ALA C 179 -14.03 -21.12 -12.75
CA ALA C 179 -12.64 -20.91 -13.14
C ALA C 179 -12.32 -21.80 -14.28
N GLN C 180 -12.69 -21.39 -15.47
CA GLN C 180 -12.44 -22.25 -16.63
C GLN C 180 -11.58 -21.57 -17.69
N GLY C 181 -11.00 -20.41 -17.38
CA GLY C 181 -10.16 -19.72 -18.35
C GLY C 181 -8.71 -20.18 -18.36
N GLU C 182 -7.91 -19.50 -19.16
CA GLU C 182 -6.48 -19.78 -19.25
C GLU C 182 -5.78 -19.45 -17.94
N GLU C 183 -4.58 -20.02 -17.76
CA GLU C 183 -3.81 -19.80 -16.53
C GLU C 183 -3.45 -18.31 -16.49
N VAL C 184 -3.80 -17.65 -15.38
CA VAL C 184 -3.44 -16.25 -15.17
C VAL C 184 -2.96 -16.01 -13.74
N SER C 185 -2.31 -14.85 -13.53
CA SER C 185 -2.13 -14.30 -12.19
C SER C 185 -2.79 -12.94 -12.29
N GLU C 186 -3.76 -12.69 -11.40
CA GLU C 186 -4.38 -11.38 -11.42
C GLU C 186 -4.97 -11.02 -10.04
N VAL C 187 -5.33 -9.76 -9.94
CA VAL C 187 -5.93 -9.24 -8.72
C VAL C 187 -7.23 -8.57 -9.09
N LEU C 188 -8.28 -8.92 -8.34
CA LEU C 188 -9.65 -8.43 -8.58
C LEU C 188 -10.16 -7.83 -7.30
N HIS C 189 -11.06 -6.87 -7.37
CA HIS C 189 -11.69 -6.42 -6.13
C HIS C 189 -13.15 -6.03 -6.32
N SER C 190 -13.84 -5.95 -5.21
CA SER C 190 -15.25 -5.53 -5.17
C SER C 190 -15.47 -4.68 -3.93
N HIS C 191 -16.34 -3.69 -4.05
CA HIS C 191 -16.79 -2.89 -2.88
C HIS C 191 -18.17 -3.34 -2.36
N LEU C 192 -18.68 -4.47 -2.86
CA LEU C 192 -20.08 -4.80 -2.64
C LEU C 192 -20.30 -5.87 -1.59
N LEU C 193 -19.27 -6.12 -0.78
CA LEU C 193 -19.44 -7.07 0.31
C LEU C 193 -20.32 -6.49 1.44
N LYS C 194 -21.30 -7.25 1.88
CA LYS C 194 -22.13 -6.85 3.00
C LYS C 194 -22.51 -8.13 3.70
N SER C 195 -22.61 -8.07 5.01
CA SER C 195 -23.26 -9.14 5.78
C SER C 195 -24.12 -8.53 6.89
N ASN C 196 -24.69 -9.36 7.76
CA ASN C 196 -25.57 -8.82 8.81
C ASN C 196 -25.26 -9.25 10.24
N GLN C 202 -27.40 -5.30 12.71
N GLN C 202 -28.44 -5.58 11.76
CA GLN C 202 -27.07 -4.23 11.77
CA GLN C 202 -27.68 -4.36 11.45
C GLN C 202 -26.25 -4.72 10.56
C GLN C 202 -26.44 -4.64 10.61
N PRO C 203 -26.37 -4.04 9.41
CA PRO C 203 -25.47 -4.47 8.34
C PRO C 203 -24.00 -4.14 8.60
N ASP C 204 -23.10 -4.96 8.07
N ASP C 204 -23.12 -4.95 8.00
CA ASP C 204 -21.69 -4.60 8.00
CA ASP C 204 -21.67 -4.73 7.96
C ASP C 204 -21.39 -4.33 6.54
C ASP C 204 -21.23 -4.56 6.51
N TRP C 205 -20.28 -3.66 6.26
CA TRP C 205 -19.92 -3.28 4.87
C TRP C 205 -18.44 -3.45 4.62
N GLY C 206 -18.08 -4.05 3.49
CA GLY C 206 -16.66 -4.17 3.17
C GLY C 206 -16.32 -4.18 1.71
N SER C 207 -15.03 -3.96 1.46
CA SER C 207 -14.46 -4.18 0.13
C SER C 207 -13.53 -5.38 0.26
N VAL C 208 -13.36 -6.10 -0.83
CA VAL C 208 -12.56 -7.33 -0.79
C VAL C 208 -11.68 -7.40 -2.02
N GLU C 209 -10.44 -7.84 -1.80
CA GLU C 209 -9.42 -7.95 -2.86
C GLU C 209 -9.02 -9.42 -2.92
N ILE C 210 -9.02 -9.96 -4.13
CA ILE C 210 -8.73 -11.36 -4.39
C ILE C 210 -7.64 -11.43 -5.40
N ALA C 211 -6.50 -11.97 -4.97
CA ALA C 211 -5.29 -12.10 -5.83
C ALA C 211 -5.04 -13.60 -5.97
N TYR C 212 -4.88 -14.07 -7.21
CA TYR C 212 -4.69 -15.52 -7.36
C TYR C 212 -3.86 -15.83 -8.58
N HIS C 213 -3.31 -17.04 -8.54
CA HIS C 213 -2.68 -17.63 -9.70
C HIS C 213 -3.48 -18.92 -9.96
N GLY C 214 -4.11 -19.04 -11.14
CA GLY C 214 -4.89 -20.23 -11.47
C GLY C 214 -5.68 -20.00 -12.74
N ALA C 215 -6.63 -20.90 -13.00
CA ALA C 215 -7.49 -20.71 -14.17
C ALA C 215 -8.32 -19.43 -14.03
N LYS C 216 -8.41 -18.62 -15.09
CA LYS C 216 -9.06 -17.30 -14.99
C LYS C 216 -10.52 -17.44 -14.56
N ASN C 218 -14.42 -16.38 -13.87
CA ASN C 218 -15.55 -15.66 -14.42
C ASN C 218 -15.97 -14.53 -13.46
N ARG C 219 -15.88 -13.28 -13.92
CA ARG C 219 -16.17 -12.11 -13.08
C ARG C 219 -17.64 -12.00 -12.68
N GLU C 220 -18.56 -12.47 -13.55
CA GLU C 220 -19.97 -12.44 -13.18
C GLU C 220 -20.26 -13.41 -12.02
N ALA C 221 -19.72 -14.61 -12.11
CA ALA C 221 -19.90 -15.62 -11.08
C ALA C 221 -19.35 -15.12 -9.77
N LEU C 222 -18.17 -14.55 -9.86
CA LEU C 222 -17.55 -14.05 -8.63
C LEU C 222 -18.38 -12.92 -7.98
N LEU C 223 -18.82 -11.97 -8.79
CA LEU C 223 -19.64 -10.89 -8.24
C LEU C 223 -20.95 -11.46 -7.66
N ARG C 224 -21.61 -12.38 -8.36
CA ARG C 224 -22.88 -12.91 -7.82
C ARG C 224 -22.63 -13.61 -6.48
N TYR C 225 -21.52 -14.36 -6.41
CA TYR C 225 -21.16 -15.06 -5.19
C TYR C 225 -21.03 -14.06 -4.04
N LEU C 226 -20.28 -13.00 -4.27
CA LEU C 226 -20.02 -12.00 -3.21
C LEU C 226 -21.32 -11.31 -2.79
N VAL C 227 -22.14 -10.96 -3.78
CA VAL C 227 -23.44 -10.32 -3.48
C VAL C 227 -24.32 -11.25 -2.66
N SER C 228 -24.18 -12.55 -2.85
CA SER C 228 -25.03 -13.50 -2.12
C SER C 228 -24.76 -13.57 -0.61
N PHE C 229 -23.71 -12.90 -0.13
CA PHE C 229 -23.49 -12.75 1.33
C PHE C 229 -24.44 -11.79 2.02
N ARG C 230 -25.15 -10.97 1.24
CA ARG C 230 -25.81 -9.78 1.79
C ARG C 230 -26.67 -10.02 3.02
N GLU C 231 -27.32 -11.18 3.07
CA GLU C 231 -28.29 -11.48 4.13
C GLU C 231 -27.78 -12.65 4.96
N HIS C 232 -26.47 -12.89 4.85
N HIS C 232 -26.49 -12.93 4.87
CA HIS C 232 -25.73 -13.89 5.59
CA HIS C 232 -25.94 -14.00 5.65
C HIS C 232 -25.36 -13.32 6.95
C HIS C 232 -25.20 -13.46 6.87
N ASN C 233 -25.34 -14.18 7.97
CA ASN C 233 -24.86 -13.77 9.28
C ASN C 233 -23.61 -14.55 9.68
N GLU C 234 -22.44 -13.90 9.62
N GLU C 234 -22.46 -13.85 9.67
CA GLU C 234 -21.26 -14.37 10.34
CA GLU C 234 -21.16 -14.42 10.08
C GLU C 234 -20.25 -13.25 10.49
C GLU C 234 -20.24 -13.26 10.45
N PHE C 235 -19.21 -13.52 11.28
CA PHE C 235 -18.21 -12.49 11.60
C PHE C 235 -17.36 -12.18 10.38
N HIS C 236 -16.71 -11.03 10.40
CA HIS C 236 -15.88 -10.61 9.26
C HIS C 236 -14.81 -11.66 9.00
N GLU C 237 -14.15 -12.10 10.08
CA GLU C 237 -13.05 -13.07 9.98
C GLU C 237 -13.50 -14.39 9.37
N GLN C 238 -14.71 -14.79 9.79
CA GLN C 238 -15.38 -15.99 9.27
C GLN C 238 -15.81 -15.86 7.82
N CYS C 239 -16.37 -14.70 7.43
N CYS C 239 -16.37 -14.70 7.47
CA CYS C 239 -16.71 -14.44 6.04
CA CYS C 239 -16.70 -14.39 6.08
C CYS C 239 -15.50 -14.55 5.13
C CYS C 239 -15.50 -14.61 5.19
N VAL C 240 -14.37 -13.99 5.55
CA VAL C 240 -13.19 -14.04 4.73
C VAL C 240 -12.71 -15.48 4.60
N GLU C 241 -12.77 -16.22 5.70
CA GLU C 241 -12.34 -17.63 5.59
C GLU C 241 -13.27 -18.45 4.70
N ARG C 242 -14.55 -18.13 4.78
CA ARG C 242 -15.53 -18.78 3.89
C ARG C 242 -15.25 -18.45 2.40
N ILE C 243 -14.99 -17.18 2.12
CA ILE C 243 -14.65 -16.79 0.74
C ILE C 243 -13.40 -17.54 0.27
N PHE C 244 -12.38 -17.57 1.14
CA PHE C 244 -11.12 -18.22 0.78
C PHE C 244 -11.39 -19.70 0.46
N THR C 245 -12.07 -20.37 1.38
CA THR C 245 -12.23 -21.83 1.23
C THR C 245 -13.20 -22.17 0.09
N ASP C 246 -14.20 -21.33 -0.15
CA ASP C 246 -15.07 -21.58 -1.31
C ASP C 246 -14.34 -21.40 -2.64
N ILE C 247 -13.58 -20.33 -2.75
CA ILE C 247 -12.78 -20.12 -3.98
C ILE C 247 -11.81 -21.28 -4.16
N ARG C 249 -12.26 -24.42 -3.08
N ARG C 249 -11.88 -24.28 -3.26
CA ARG C 249 -12.85 -25.72 -3.46
CA ARG C 249 -12.50 -25.55 -3.58
C ARG C 249 -13.48 -25.68 -4.84
C ARG C 249 -13.14 -25.54 -4.97
N TYR C 250 -13.95 -24.51 -5.27
CA TYR C 250 -14.64 -24.42 -6.57
C TYR C 250 -13.74 -24.01 -7.72
N CYS C 251 -12.72 -23.19 -7.40
CA CYS C 251 -11.91 -22.59 -8.48
C CYS C 251 -10.51 -23.16 -8.55
N GLN C 252 -10.08 -23.79 -7.45
N GLN C 252 -10.13 -23.84 -7.46
CA GLN C 252 -8.81 -24.51 -7.40
CA GLN C 252 -8.82 -24.48 -7.27
C GLN C 252 -7.58 -23.71 -7.88
C GLN C 252 -7.65 -23.68 -7.90
N PRO C 253 -7.46 -22.44 -7.44
CA PRO C 253 -6.23 -21.73 -7.86
C PRO C 253 -4.99 -22.38 -7.22
N GLN C 254 -3.82 -22.17 -7.83
CA GLN C 254 -2.57 -22.66 -7.26
C GLN C 254 -2.19 -21.86 -6.03
N SER C 255 -2.46 -20.55 -6.08
N SER C 255 -2.51 -20.58 -6.01
CA SER C 255 -2.18 -19.59 -5.00
CA SER C 255 -2.37 -19.84 -4.78
C SER C 255 -3.38 -18.66 -4.85
C SER C 255 -3.35 -18.70 -4.81
N LEU C 256 -3.71 -18.26 -3.63
CA LEU C 256 -4.87 -17.40 -3.42
C LEU C 256 -4.62 -16.47 -2.22
N THR C 257 -5.04 -15.22 -2.35
CA THR C 257 -5.05 -14.31 -1.19
C THR C 257 -6.39 -13.59 -1.23
N VAL C 258 -7.04 -13.52 -0.06
CA VAL C 258 -8.29 -12.81 0.13
C VAL C 258 -8.07 -11.81 1.26
N TYR C 259 -8.32 -10.53 0.97
CA TYR C 259 -8.07 -9.47 1.97
C TYR C 259 -9.31 -8.60 1.96
N ALA C 260 -10.03 -8.54 3.08
CA ALA C 260 -11.23 -7.69 3.12
C ALA C 260 -10.98 -6.57 4.10
N ARG C 261 -11.57 -5.42 3.80
CA ARG C 261 -11.48 -4.24 4.65
C ARG C 261 -12.87 -3.73 4.95
N TYR C 262 -13.29 -3.88 6.18
CA TYR C 262 -14.66 -3.54 6.58
C TYR C 262 -14.76 -2.21 7.25
N THR C 263 -15.92 -1.57 7.15
N THR C 263 -15.95 -1.63 7.19
CA THR C 263 -16.13 -0.32 7.87
CA THR C 263 -16.23 -0.36 7.83
C THR C 263 -16.22 -0.61 9.35
C THR C 263 -16.41 -0.56 9.35
N ARG C 264 -15.93 0.41 10.13
CA ARG C 264 -15.93 0.25 11.61
C ARG C 264 -17.33 0.07 12.19
N ARG C 265 -17.36 -0.62 13.33
CA ARG C 265 -18.51 -0.66 14.19
C ARG C 265 -17.99 -0.34 15.57
N GLY C 266 -18.61 0.59 16.26
CA GLY C 266 -18.19 0.88 17.61
C GLY C 266 -16.79 1.46 17.68
N GLY C 267 -16.38 2.12 16.61
CA GLY C 267 -15.08 2.82 16.63
C GLY C 267 -13.88 1.96 16.26
N LEU C 268 -14.11 0.69 15.93
N LEU C 268 -14.16 0.67 15.96
CA LEU C 268 -13.03 -0.18 15.53
CA LEU C 268 -13.19 -0.40 15.61
C LEU C 268 -13.40 -0.94 14.27
C LEU C 268 -13.46 -0.95 14.22
N ASP C 269 -12.44 -1.11 13.39
CA ASP C 269 -12.63 -1.95 12.20
C ASP C 269 -11.73 -3.17 12.16
N ILE C 270 -12.16 -4.15 11.37
CA ILE C 270 -11.45 -5.42 11.21
C ILE C 270 -11.17 -5.63 9.73
N ASN C 271 -9.96 -6.13 9.44
CA ASN C 271 -9.48 -6.27 8.06
C ASN C 271 -8.82 -7.63 7.98
N PRO C 272 -9.62 -8.71 7.79
CA PRO C 272 -9.02 -10.07 7.78
C PRO C 272 -8.27 -10.33 6.48
N PHE C 273 -7.09 -10.95 6.64
CA PHE C 273 -6.21 -11.27 5.53
C PHE C 273 -5.96 -12.76 5.61
N ARG C 274 -6.20 -13.48 4.52
CA ARG C 274 -5.97 -14.94 4.46
C ARG C 274 -5.29 -15.26 3.15
N SER C 275 -4.21 -16.03 3.21
CA SER C 275 -3.40 -16.29 2.00
C SER C 275 -2.80 -17.67 2.00
N SER C 276 -2.64 -18.26 0.81
CA SER C 276 -1.88 -19.52 0.70
C SER C 276 -0.46 -19.34 1.20
N HIS C 277 0.19 -18.22 0.85
CA HIS C 277 1.64 -18.09 1.04
C HIS C 277 2.12 -16.88 1.81
N GLN C 278 1.25 -15.88 1.92
CA GLN C 278 1.67 -14.59 2.50
C GLN C 278 1.20 -14.55 3.95
N SER C 279 1.98 -13.92 4.84
CA SER C 279 1.67 -13.88 6.28
C SER C 279 0.89 -12.62 6.67
N ALA C 280 1.05 -11.56 5.88
CA ALA C 280 0.47 -10.24 6.18
C ALA C 280 0.34 -9.50 4.85
N PRO C 281 -0.57 -8.51 4.80
CA PRO C 281 -0.68 -7.63 3.63
C PRO C 281 0.55 -6.70 3.60
N ASN C 282 0.95 -6.20 2.44
N ASN C 282 0.90 -6.22 2.41
CA ASN C 282 2.15 -5.31 2.41
CA ASN C 282 2.08 -5.34 2.26
C ASN C 282 1.78 -3.84 2.44
C ASN C 282 1.66 -3.87 2.21
N HIS C 283 0.54 -3.57 2.87
CA HIS C 283 -0.02 -2.23 2.99
C HIS C 283 -1.22 -2.30 3.96
N ASN C 284 -1.45 -1.21 4.69
CA ASN C 284 -2.55 -1.12 5.65
C ASN C 284 -2.99 0.35 5.69
N GLN C 285 -3.70 0.76 4.66
N GLN C 285 -3.77 0.72 4.70
CA GLN C 285 -4.16 2.15 4.58
CA GLN C 285 -4.20 2.11 4.54
C GLN C 285 -5.68 2.13 4.44
C GLN C 285 -5.70 2.11 4.44
N ARG C 286 -6.35 3.17 4.92
CA ARG C 286 -7.79 3.14 5.00
C ARG C 286 -8.42 3.42 3.64
N ALA C 288 -12.19 4.35 1.38
CA ALA C 288 -13.11 5.51 1.38
C ALA C 288 -14.14 5.43 2.50
N ARG C 289 -14.72 4.24 2.69
CA ARG C 289 -15.80 4.14 3.64
C ARG C 289 -15.31 3.88 5.07
N GLN C 290 -14.02 3.56 5.22
CA GLN C 290 -13.48 3.22 6.55
C GLN C 290 -13.22 4.48 7.36
N TYR D 30 -37.64 -10.46 5.67
CA TYR D 30 -37.61 -9.22 4.81
C TYR D 30 -37.14 -8.00 5.58
N ALA D 31 -35.93 -7.52 5.26
CA ALA D 31 -35.47 -6.24 5.75
C ALA D 31 -36.48 -5.14 5.38
N ASN D 32 -36.63 -4.16 6.26
CA ASN D 32 -37.50 -3.08 5.95
C ASN D 32 -36.90 -2.23 4.87
N GLN D 33 -37.75 -1.86 3.90
CA GLN D 33 -37.32 -1.07 2.78
C GLN D 33 -37.61 0.38 3.04
N TYR D 34 -37.38 1.22 2.03
CA TYR D 34 -37.42 2.69 2.18
C TYR D 34 -38.55 3.14 3.12
N ASP D 35 -38.17 3.90 4.15
CA ASP D 35 -39.16 4.35 5.11
C ASP D 35 -38.79 5.75 5.67
N PRO D 36 -39.28 6.79 5.03
CA PRO D 36 -38.95 8.15 5.52
C PRO D 36 -39.55 8.46 6.89
N SER D 37 -40.51 7.67 7.35
CA SER D 37 -41.07 7.94 8.69
C SER D 37 -40.09 7.60 9.82
N LEU D 38 -38.99 6.91 9.51
CA LEU D 38 -37.97 6.58 10.52
C LEU D 38 -37.23 7.83 10.97
N LEU D 39 -37.16 8.86 10.12
CA LEU D 39 -36.45 10.10 10.48
C LEU D 39 -37.13 10.80 11.66
N GLN D 40 -36.31 11.29 12.60
CA GLN D 40 -36.85 11.93 13.80
C GLN D 40 -36.30 13.35 13.90
N PRO D 41 -37.16 14.34 13.70
CA PRO D 41 -36.74 15.74 13.92
C PRO D 41 -36.64 16.03 15.43
N VAL D 42 -35.70 16.91 15.81
CA VAL D 42 -35.64 17.48 17.17
C VAL D 42 -35.58 18.99 16.98
N PRO D 43 -36.54 19.74 17.55
CA PRO D 43 -36.52 21.21 17.36
C PRO D 43 -35.23 21.78 17.98
N ARG D 44 -34.55 22.66 17.26
CA ARG D 44 -33.32 23.25 17.77
C ARG D 44 -33.59 24.12 18.99
N SER D 45 -34.79 24.71 19.05
CA SER D 45 -35.14 25.61 20.17
C SER D 45 -35.16 24.87 21.50
N LEU D 46 -35.42 23.57 21.44
CA LEU D 46 -35.53 22.77 22.65
C LEU D 46 -34.24 22.88 23.47
N ASN D 47 -33.08 22.65 22.86
CA ASN D 47 -31.83 22.88 23.60
C ASN D 47 -31.36 24.32 23.67
N ARG D 48 -31.69 25.13 22.68
CA ARG D 48 -31.20 26.48 22.72
C ARG D 48 -31.80 27.27 23.87
N ASN D 49 -32.95 26.83 24.35
CA ASN D 49 -33.60 27.40 25.54
C ASN D 49 -32.68 27.47 26.76
N ASP D 50 -31.96 26.38 27.05
N ASP D 50 -31.94 26.38 26.98
CA ASP D 50 -31.02 26.35 28.18
CA ASP D 50 -31.00 26.23 28.09
C ASP D 50 -29.88 27.36 28.02
C ASP D 50 -29.68 27.01 27.89
N LEU D 51 -29.60 27.76 26.79
CA LEU D 51 -28.49 28.68 26.50
C LEU D 51 -28.88 30.15 26.68
N HIS D 52 -30.17 30.37 27.00
CA HIS D 52 -30.78 31.73 27.16
C HIS D 52 -30.42 32.72 26.05
N LEU D 53 -30.57 32.30 24.80
CA LEU D 53 -30.20 33.15 23.67
C LEU D 53 -31.18 34.33 23.52
N SER D 54 -30.74 35.38 22.84
CA SER D 54 -31.61 36.52 22.53
C SER D 54 -32.68 36.12 21.50
N ALA D 55 -33.46 37.10 21.04
CA ALA D 55 -34.49 36.86 20.02
C ALA D 55 -33.84 36.40 18.72
N THR D 56 -32.79 37.10 18.31
CA THR D 56 -32.01 36.71 17.14
C THR D 56 -30.96 35.67 17.52
N LEU D 57 -30.65 34.74 16.61
CA LEU D 57 -29.52 33.86 16.84
C LEU D 57 -28.22 34.65 16.75
N PRO D 58 -27.28 34.45 17.70
CA PRO D 58 -25.99 35.14 17.66
C PRO D 58 -24.95 34.47 16.73
N PHE D 59 -25.39 33.40 16.06
CA PHE D 59 -24.49 32.71 15.13
C PHE D 59 -25.21 32.31 13.86
N GLN D 60 -24.44 32.01 12.83
CA GLN D 60 -24.95 31.37 11.66
C GLN D 60 -24.09 30.12 11.44
N GLY D 61 -24.43 29.32 10.44
CA GLY D 61 -23.62 28.13 10.16
C GLY D 61 -24.45 26.95 9.70
N CYS D 62 -23.93 25.75 9.97
CA CYS D 62 -24.53 24.56 9.38
C CYS D 62 -24.00 23.36 10.13
N ASP D 63 -24.73 22.25 10.00
CA ASP D 63 -24.28 20.95 10.46
C ASP D 63 -23.95 20.15 9.22
N ILE D 64 -22.68 19.82 9.04
N ILE D 64 -22.70 19.75 9.13
CA ILE D 64 -22.30 18.98 7.91
CA ILE D 64 -22.16 18.98 8.01
C ILE D 64 -22.19 17.55 8.44
C ILE D 64 -22.11 17.51 8.43
N TRP D 65 -22.82 16.65 7.70
CA TRP D 65 -22.86 15.23 8.07
C TRP D 65 -22.15 14.43 6.96
N THR D 66 -21.42 13.40 7.36
CA THR D 66 -20.85 12.49 6.34
C THR D 66 -21.52 11.14 6.52
N LEU D 67 -22.01 10.59 5.39
CA LEU D 67 -22.80 9.33 5.41
C LEU D 67 -21.89 8.27 4.78
N TYR D 68 -21.16 7.53 5.61
CA TYR D 68 -20.14 6.62 5.06
C TYR D 68 -20.71 5.31 4.55
N GLU D 69 -21.98 5.04 4.85
N GLU D 69 -21.94 5.04 4.93
CA GLU D 69 -22.58 3.69 4.67
CA GLU D 69 -22.59 3.78 4.56
C GLU D 69 -23.71 3.60 3.62
C GLU D 69 -23.95 4.16 4.00
N LEU D 70 -23.84 4.60 2.77
CA LEU D 70 -25.00 4.81 1.92
C LEU D 70 -24.95 3.75 0.85
N SER D 71 -26.02 2.95 0.74
CA SER D 71 -26.03 1.88 -0.21
C SER D 71 -27.48 1.49 -0.48
N TRP D 72 -27.73 1.12 -1.73
CA TRP D 72 -29.07 0.76 -2.15
C TRP D 72 -28.90 -0.21 -3.31
N LEU D 73 -30.02 -0.59 -3.95
CA LEU D 73 -30.02 -1.49 -5.11
C LEU D 73 -30.39 -0.73 -6.37
N ASN D 74 -29.74 -1.04 -7.48
CA ASN D 74 -30.18 -0.44 -8.75
C ASN D 74 -31.47 -1.16 -9.25
N GLN D 75 -31.96 -0.73 -10.41
N GLN D 75 -31.98 -0.74 -10.40
CA GLN D 75 -33.21 -1.27 -10.97
CA GLN D 75 -33.28 -1.28 -10.82
C GLN D 75 -33.19 -2.78 -11.09
C GLN D 75 -33.21 -2.76 -11.24
N LYS D 76 -32.00 -3.29 -11.38
CA LYS D 76 -31.79 -4.72 -11.64
C LYS D 76 -31.36 -5.49 -10.39
N GLY D 77 -31.31 -4.82 -9.24
CA GLY D 77 -31.07 -5.50 -7.99
C GLY D 77 -29.61 -5.54 -7.59
N LEU D 78 -28.75 -4.90 -8.36
CA LEU D 78 -27.32 -4.91 -8.05
C LEU D 78 -26.98 -3.82 -7.03
N PRO D 79 -26.32 -4.17 -5.91
CA PRO D 79 -26.02 -3.12 -4.94
C PRO D 79 -25.14 -2.00 -5.48
N GLN D 80 -25.39 -0.79 -4.97
CA GLN D 80 -24.66 0.43 -5.29
C GLN D 80 -24.17 0.96 -3.95
N VAL D 81 -22.98 1.56 -3.94
CA VAL D 81 -22.43 2.11 -2.69
C VAL D 81 -21.88 3.50 -2.96
N ALA D 82 -22.02 4.38 -1.99
CA ALA D 82 -21.62 5.77 -2.15
C ALA D 82 -21.33 6.36 -0.78
N ILE D 83 -20.74 7.56 -0.80
CA ILE D 83 -20.63 8.34 0.44
C ILE D 83 -21.48 9.58 0.26
N GLY D 84 -22.31 9.91 1.24
CA GLY D 84 -23.11 11.14 1.15
C GLY D 84 -22.49 12.24 1.97
N GLU D 85 -22.68 13.47 1.52
N GLU D 85 -22.55 13.44 1.43
CA GLU D 85 -22.21 14.64 2.26
CA GLU D 85 -22.30 14.64 2.23
C GLU D 85 -23.39 15.60 2.33
C GLU D 85 -23.62 15.37 2.34
N VAL D 86 -23.91 15.83 3.55
CA VAL D 86 -25.13 16.58 3.77
C VAL D 86 -24.81 17.85 4.53
N SER D 87 -25.47 18.94 4.18
CA SER D 87 -25.35 20.17 4.96
C SER D 87 -26.72 20.65 5.36
N ILE D 88 -26.91 20.79 6.66
CA ILE D 88 -28.17 21.28 7.22
C ILE D 88 -27.97 22.67 7.81
N PRO D 89 -28.73 23.67 7.33
CA PRO D 89 -28.54 25.03 7.87
C PRO D 89 -28.80 25.10 9.37
N ALA D 90 -27.96 25.86 10.08
CA ALA D 90 -28.17 26.04 11.51
C ALA D 90 -29.44 26.80 11.81
N THR D 91 -30.04 27.42 10.80
CA THR D 91 -31.32 28.12 10.97
C THR D 91 -32.52 27.19 10.81
N SER D 92 -32.27 25.93 10.42
CA SER D 92 -33.42 25.03 10.25
C SER D 92 -34.16 24.87 11.61
N ALA D 93 -35.48 24.70 11.53
CA ALA D 93 -36.26 24.54 12.75
C ALA D 93 -35.79 23.35 13.54
N ASN D 94 -35.41 22.29 12.82
CA ASN D 94 -35.08 21.03 13.46
C ASN D 94 -33.71 20.50 13.05
N LEU D 95 -33.08 19.82 13.97
CA LEU D 95 -31.96 18.97 13.61
C LEU D 95 -32.51 17.56 13.48
N ILE D 96 -31.67 16.63 13.03
CA ILE D 96 -32.15 15.27 12.76
C ILE D 96 -31.44 14.40 13.75
N GLU D 97 -32.19 13.59 14.49
CA GLU D 97 -31.58 12.70 15.50
C GLU D 97 -30.77 11.61 14.77
N SER D 98 -29.52 11.42 15.19
N SER D 98 -29.57 11.34 15.29
CA SER D 98 -28.53 10.68 14.39
CA SER D 98 -28.60 10.47 14.61
C SER D 98 -28.93 9.20 14.21
C SER D 98 -28.99 8.98 14.51
N LYS D 99 -29.43 8.59 15.30
N LYS D 99 -29.52 8.36 15.56
CA LYS D 99 -29.90 7.18 15.28
CA LYS D 99 -29.89 6.97 15.31
C LYS D 99 -30.94 7.00 14.19
C LYS D 99 -31.06 6.87 14.30
N SER D 100 -31.95 7.87 14.26
CA SER D 100 -33.06 7.84 13.29
C SER D 100 -32.55 8.01 11.85
N PHE D 101 -31.51 8.84 11.72
CA PHE D 101 -30.89 9.11 10.42
C PHE D 101 -30.24 7.78 9.92
N LYS D 102 -29.52 7.08 10.81
N LYS D 102 -29.52 7.10 10.81
CA LYS D 102 -28.94 5.77 10.44
CA LYS D 102 -28.94 5.81 10.52
C LYS D 102 -30.04 4.80 10.00
C LYS D 102 -30.01 4.83 10.03
N LEU D 103 -31.13 4.75 10.76
CA LEU D 103 -32.18 3.77 10.44
C LEU D 103 -32.83 4.08 9.10
N TYR D 104 -33.03 5.38 8.83
CA TYR D 104 -33.59 5.84 7.60
C TYR D 104 -32.65 5.42 6.44
N LEU D 105 -31.35 5.69 6.59
CA LEU D 105 -30.42 5.28 5.53
C LEU D 105 -30.39 3.76 5.34
N ASN D 106 -30.44 3.01 6.44
CA ASN D 106 -30.47 1.53 6.33
C ASN D 106 -31.68 1.07 5.50
N SER D 107 -32.77 1.84 5.56
CA SER D 107 -33.97 1.46 4.79
C SER D 107 -33.75 1.51 3.25
N TYR D 108 -32.69 2.18 2.81
CA TYR D 108 -32.34 2.20 1.39
C TYR D 108 -31.71 0.89 0.96
N ASN D 109 -31.11 0.15 1.91
CA ASN D 109 -30.13 -0.88 1.52
C ASN D 109 -30.71 -1.97 0.62
N GLN D 110 -31.96 -2.35 0.88
N GLN D 110 -31.95 -2.35 0.92
CA GLN D 110 -32.60 -3.41 0.07
CA GLN D 110 -32.63 -3.41 0.17
C GLN D 110 -33.67 -2.88 -0.88
C GLN D 110 -33.75 -2.85 -0.73
N THR D 111 -33.66 -1.57 -1.08
CA THR D 111 -34.66 -0.92 -1.94
C THR D 111 -34.07 -0.65 -3.30
N ARG D 112 -34.81 -0.99 -4.38
CA ARG D 112 -34.37 -0.67 -5.71
C ARG D 112 -34.76 0.74 -6.10
N PHE D 113 -33.79 1.45 -6.66
CA PHE D 113 -33.99 2.80 -7.21
C PHE D 113 -33.50 2.87 -8.62
N ALA D 114 -34.20 3.66 -9.43
CA ALA D 114 -33.91 3.77 -10.85
C ALA D 114 -32.54 4.34 -11.20
N SER D 115 -32.01 5.21 -10.35
CA SER D 115 -30.83 5.95 -10.68
C SER D 115 -30.24 6.55 -9.43
N TRP D 116 -28.98 6.94 -9.53
CA TRP D 116 -28.30 7.69 -8.48
C TRP D 116 -28.97 9.04 -8.28
N ASP D 117 -29.44 9.64 -9.37
N ASP D 117 -29.43 9.63 -9.37
CA ASP D 117 -30.13 10.92 -9.28
CA ASP D 117 -30.11 10.91 -9.27
C ASP D 117 -31.37 10.79 -8.40
C ASP D 117 -31.39 10.81 -8.45
N GLU D 118 -32.15 9.72 -8.59
CA GLU D 118 -33.33 9.47 -7.77
C GLU D 118 -32.97 9.40 -6.27
N VAL D 119 -31.89 8.69 -5.95
CA VAL D 119 -31.46 8.57 -4.55
C VAL D 119 -31.13 9.96 -3.97
N GLN D 120 -30.34 10.73 -4.71
N GLN D 120 -30.33 10.74 -4.68
CA GLN D 120 -29.95 12.04 -4.25
CA GLN D 120 -29.96 12.07 -4.23
C GLN D 120 -31.15 12.98 -4.07
C GLN D 120 -31.20 12.93 -4.03
N THR D 121 -32.11 12.88 -4.99
CA THR D 121 -33.35 13.68 -4.93
C THR D 121 -34.21 13.32 -3.71
N ARG D 122 -34.34 12.02 -3.41
CA ARG D 122 -35.15 11.59 -2.24
C ARG D 122 -34.49 12.00 -0.94
N LEU D 123 -33.15 11.90 -0.88
CA LEU D 123 -32.43 12.33 0.32
C LEU D 123 -32.68 13.82 0.54
N VAL D 124 -32.54 14.65 -0.50
CA VAL D 124 -32.81 16.08 -0.34
C VAL D 124 -34.24 16.28 0.14
N HIS D 125 -35.19 15.60 -0.53
CA HIS D 125 -36.60 15.82 -0.17
C HIS D 125 -36.90 15.45 1.28
N ASP D 126 -36.44 14.26 1.67
CA ASP D 126 -36.80 13.75 2.98
C ASP D 126 -36.07 14.49 4.08
N LEU D 127 -34.79 14.76 3.88
CA LEU D 127 -34.02 15.42 4.93
C LEU D 127 -34.44 16.90 5.07
N SER D 128 -34.78 17.55 3.95
CA SER D 128 -35.30 18.92 4.00
C SER D 128 -36.65 18.96 4.73
N ALA D 129 -37.55 18.03 4.41
CA ALA D 129 -38.83 17.98 5.17
C ALA D 129 -38.60 17.80 6.67
N CYS D 130 -37.66 16.95 7.04
CA CYS D 130 -37.41 16.67 8.45
C CYS D 130 -36.83 17.92 9.13
N ALA D 131 -35.78 18.48 8.53
CA ALA D 131 -35.12 19.66 9.10
C ALA D 131 -35.98 20.92 9.10
N GLY D 132 -36.87 21.02 8.13
CA GLY D 132 -37.70 22.24 7.97
C GLY D 132 -37.11 23.33 7.08
N GLU D 133 -36.03 23.02 6.38
CA GLU D 133 -35.35 23.98 5.53
C GLU D 133 -34.55 23.15 4.54
N THR D 134 -34.32 23.71 3.35
CA THR D 134 -33.59 22.97 2.32
C THR D 134 -32.23 22.53 2.83
N VAL D 135 -32.02 21.23 2.68
N VAL D 135 -31.94 21.25 2.65
CA VAL D 135 -30.78 20.52 3.05
CA VAL D 135 -30.60 20.79 2.94
C VAL D 135 -30.03 20.18 1.76
C VAL D 135 -29.89 20.52 1.61
N THR D 136 -28.72 20.38 1.78
N THR D 136 -28.57 20.45 1.66
CA THR D 136 -27.87 20.07 0.65
CA THR D 136 -27.85 20.06 0.47
C THR D 136 -27.42 18.61 0.74
C THR D 136 -27.25 18.68 0.66
N VAL D 137 -27.38 17.90 -0.39
CA VAL D 137 -26.91 16.51 -0.39
C VAL D 137 -26.07 16.26 -1.63
N ASN D 138 -24.89 15.66 -1.44
N ASN D 138 -24.84 15.77 -1.40
CA ASN D 138 -24.04 15.26 -2.56
CA ASN D 138 -24.03 15.17 -2.46
C ASN D 138 -23.72 13.78 -2.38
C ASN D 138 -24.01 13.67 -2.23
N VAL D 139 -24.19 12.95 -3.32
CA VAL D 139 -24.00 11.51 -3.31
C VAL D 139 -22.81 11.21 -4.22
N LYS D 140 -21.70 10.79 -3.62
CA LYS D 140 -20.45 10.67 -4.33
C LYS D 140 -20.05 9.21 -4.47
N SER D 141 -19.58 8.84 -5.64
CA SER D 141 -19.06 7.48 -5.79
C SER D 141 -17.73 7.30 -5.01
N LEU D 142 -17.44 6.05 -4.65
CA LEU D 142 -16.26 5.82 -3.82
C LEU D 142 -14.96 6.28 -4.49
N ASN D 143 -14.91 6.24 -5.82
CA ASN D 143 -13.67 6.59 -6.49
C ASN D 143 -13.36 8.07 -6.35
N GLU D 144 -14.36 8.90 -6.00
CA GLU D 144 -14.13 10.34 -5.75
C GLU D 144 -13.23 10.56 -4.56
N TYR D 145 -13.06 9.54 -3.73
CA TYR D 145 -12.27 9.66 -2.51
C TYR D 145 -10.83 9.16 -2.63
N THR D 146 -10.54 8.44 -3.71
CA THR D 146 -9.19 7.93 -3.87
C THR D 146 -8.20 9.09 -3.86
N ALA D 147 -7.18 8.95 -3.00
CA ALA D 147 -6.11 9.94 -2.82
C ALA D 147 -6.53 11.21 -2.09
N GLU D 148 -7.79 11.27 -1.63
CA GLU D 148 -8.18 12.42 -0.80
C GLU D 148 -7.44 12.31 0.53
N PRO D 149 -7.17 13.48 1.14
N PRO D 149 -6.66 13.33 0.92
CA PRO D 149 -6.37 13.52 2.35
CA PRO D 149 -5.92 13.17 2.22
C PRO D 149 -7.13 13.28 3.64
C PRO D 149 -6.68 13.51 3.53
N ILE D 150 -6.37 12.77 4.61
CA ILE D 150 -6.79 13.00 5.97
C ILE D 150 -6.16 14.34 6.38
N VAL D 151 -6.95 15.17 7.07
CA VAL D 151 -6.50 16.52 7.44
C VAL D 151 -6.53 16.73 8.94
N THR D 152 -5.74 17.72 9.37
CA THR D 152 -5.90 18.26 10.70
C THR D 152 -6.69 19.56 10.65
N GLN D 154 -6.98 23.93 11.47
N GLN D 154 -7.00 23.94 11.48
CA GLN D 154 -6.16 25.13 11.35
CA GLN D 154 -6.24 25.18 11.33
C GLN D 154 -5.60 25.60 12.68
C GLN D 154 -5.68 25.70 12.65
N GLY D 155 -4.57 26.42 12.58
CA GLY D 155 -4.02 27.07 13.77
C GLY D 155 -3.23 26.18 14.66
N GLU D 156 -3.08 26.60 15.91
CA GLU D 156 -2.22 25.90 16.85
C GLU D 156 -3.02 24.95 17.69
N CYS D 157 -2.50 23.72 17.85
CA CYS D 157 -3.05 22.76 18.79
C CYS D 157 -2.73 23.21 20.21
N ILE D 158 -3.72 23.17 21.08
CA ILE D 158 -3.52 23.60 22.46
C ILE D 158 -3.33 22.44 23.45
N ASP D 159 -3.23 21.22 22.94
CA ASP D 159 -3.29 20.05 23.80
C ASP D 159 -2.05 19.70 24.60
N ASP D 160 -0.91 20.17 24.12
N ASP D 160 -0.88 20.12 24.17
CA ASP D 160 0.36 19.83 24.77
CA ASP D 160 0.32 19.58 24.81
C ASP D 160 0.63 20.82 25.88
C ASP D 160 0.81 20.49 25.95
N GLN D 161 -0.01 20.56 27.00
CA GLN D 161 0.18 21.41 28.17
C GLN D 161 0.61 20.58 29.33
N ASP D 162 1.37 21.22 30.21
CA ASP D 162 1.87 20.60 31.44
C ASP D 162 0.98 21.08 32.57
N ILE D 163 -0.24 20.52 32.59
CA ILE D 163 -1.23 20.85 33.62
C ILE D 163 -1.81 19.57 34.17
N GLU D 164 -2.33 19.65 35.39
CA GLU D 164 -3.05 18.55 36.01
C GLU D 164 -4.54 18.77 35.96
N ILE D 165 -5.24 17.75 35.51
CA ILE D 165 -6.70 17.78 35.55
C ILE D 165 -7.17 16.62 36.41
N ALA D 166 -8.13 16.89 37.30
CA ALA D 166 -8.74 15.80 38.08
C ALA D 166 -10.26 15.95 38.16
N ASN D 167 -10.77 17.12 37.84
CA ASN D 167 -12.21 17.35 37.83
C ASN D 167 -12.70 17.40 36.39
N TYR D 168 -13.51 16.41 36.00
CA TYR D 168 -14.06 16.30 34.65
C TYR D 168 -15.52 16.70 34.55
N GLU D 169 -16.03 17.39 35.57
CA GLU D 169 -17.44 17.84 35.60
C GLU D 169 -17.53 19.15 34.85
N PHE D 170 -18.62 19.37 34.12
CA PHE D 170 -18.76 20.57 33.30
C PHE D 170 -18.66 21.86 34.15
N ASP D 171 -17.87 22.83 33.69
CA ASP D 171 -17.76 24.07 34.44
C ASP D 171 -17.47 25.25 33.54
N ASP D 172 -18.54 25.94 33.12
CA ASP D 172 -18.38 27.09 32.21
C ASP D 172 -17.58 28.21 32.86
N ALA D 173 -17.56 28.24 34.20
CA ALA D 173 -16.87 29.31 34.92
C ALA D 173 -15.35 29.23 34.74
N LEU D 174 -14.86 28.11 34.20
CA LEU D 174 -13.45 28.03 33.80
C LEU D 174 -13.00 29.10 32.80
N LEU D 175 -13.99 29.69 32.14
N LEU D 175 -13.92 29.68 32.00
CA LEU D 175 -13.76 30.77 31.20
CA LEU D 175 -13.53 30.71 30.98
C LEU D 175 -13.85 32.17 31.83
C LEU D 175 -13.57 32.12 31.53
N GLN D 176 -14.11 32.27 33.15
N GLN D 176 -14.08 32.25 32.75
CA GLN D 176 -14.06 33.56 33.87
CA GLN D 176 -14.16 33.55 33.43
C GLN D 176 -12.71 34.26 33.63
C GLN D 176 -12.79 34.19 33.48
N GLY D 177 -12.70 35.39 32.91
CA GLY D 177 -11.44 36.14 32.79
C GLY D 177 -10.39 35.47 31.93
N ALA D 178 -10.80 34.50 31.11
CA ALA D 178 -9.85 33.81 30.24
C ALA D 178 -9.35 34.63 29.05
N ALA D 179 -9.97 35.79 28.75
CA ALA D 179 -9.51 36.57 27.61
C ALA D 179 -9.05 37.92 28.12
N GLN D 180 -7.77 38.01 28.45
CA GLN D 180 -7.26 39.24 29.02
C GLN D 180 -6.04 39.76 28.28
N GLY D 181 -5.63 39.03 27.25
CA GLY D 181 -4.44 39.37 26.51
C GLY D 181 -4.69 40.52 25.56
N GLU D 182 -3.68 40.82 24.75
CA GLU D 182 -3.75 41.86 23.72
C GLU D 182 -4.74 41.44 22.65
N GLU D 183 -5.21 42.42 21.88
N GLU D 183 -5.18 42.39 21.83
CA GLU D 183 -6.06 42.16 20.72
CA GLU D 183 -6.15 42.12 20.76
C GLU D 183 -5.28 41.28 19.74
C GLU D 183 -5.47 41.42 19.57
N VAL D 184 -5.89 40.18 19.30
CA VAL D 184 -5.23 39.31 18.32
C VAL D 184 -6.31 38.65 17.46
N SER D 185 -5.90 38.21 16.28
CA SER D 185 -6.66 37.25 15.48
C SER D 185 -5.89 35.96 15.60
N GLU D 186 -6.56 34.91 16.06
CA GLU D 186 -5.85 33.63 16.04
C GLU D 186 -6.80 32.49 15.86
N VAL D 187 -6.24 31.33 15.53
CA VAL D 187 -7.02 30.10 15.40
C VAL D 187 -6.36 29.05 16.29
N LEU D 188 -7.17 28.38 17.13
CA LEU D 188 -6.68 27.36 18.04
C LEU D 188 -7.46 26.08 17.76
N HIS D 189 -6.88 24.92 18.07
CA HIS D 189 -7.69 23.70 17.98
C HIS D 189 -7.30 22.71 19.05
N SER D 190 -8.19 21.76 19.29
CA SER D 190 -7.94 20.71 20.27
C SER D 190 -8.51 19.41 19.77
N HIS D 191 -7.82 18.30 20.07
CA HIS D 191 -8.36 16.97 19.69
C HIS D 191 -8.99 16.25 20.90
N LEU D 192 -9.18 17.00 22.00
CA LEU D 192 -9.53 16.39 23.29
C LEU D 192 -11.01 16.53 23.68
N LEU D 193 -11.84 16.91 22.71
CA LEU D 193 -13.26 16.98 22.99
C LEU D 193 -13.88 15.59 23.11
N LYS D 194 -14.49 15.32 24.26
CA LYS D 194 -15.29 14.12 24.46
C LYS D 194 -16.54 14.57 25.20
N SER D 195 -17.67 14.04 24.78
CA SER D 195 -18.90 14.23 25.52
C SER D 195 -19.65 12.91 25.53
N ASN D 196 -20.69 12.80 26.36
CA ASN D 196 -21.55 11.61 26.32
C ASN D 196 -22.92 11.98 25.76
N GLN D 202 -22.55 6.14 26.18
CA GLN D 202 -21.51 5.91 25.18
C GLN D 202 -20.77 7.22 24.82
N PRO D 203 -19.44 7.18 24.90
CA PRO D 203 -18.68 8.40 24.58
C PRO D 203 -18.73 8.83 23.10
N ASP D 204 -18.71 10.14 22.87
CA ASP D 204 -18.54 10.77 21.55
C ASP D 204 -17.21 11.50 21.58
N TRP D 205 -16.52 11.54 20.43
CA TRP D 205 -15.12 11.96 20.38
C TRP D 205 -15.02 13.01 19.28
N GLY D 206 -14.37 14.13 19.56
CA GLY D 206 -14.21 15.15 18.53
C GLY D 206 -12.98 16.00 18.66
N SER D 207 -12.70 16.70 17.58
CA SER D 207 -11.72 17.79 17.53
C SER D 207 -12.48 19.10 17.31
N VAL D 208 -11.94 20.20 17.84
CA VAL D 208 -12.67 21.47 17.76
C VAL D 208 -11.66 22.57 17.44
N GLU D 209 -12.08 23.43 16.52
CA GLU D 209 -11.28 24.56 16.00
C GLU D 209 -12.01 25.86 16.40
N ILE D 210 -11.27 26.78 16.98
CA ILE D 210 -11.86 28.03 17.47
C ILE D 210 -11.06 29.17 16.85
N ALA D 211 -11.72 29.99 16.03
CA ALA D 211 -11.04 31.11 15.38
C ALA D 211 -11.70 32.38 15.88
N TYR D 212 -10.89 33.37 16.28
CA TYR D 212 -11.51 34.55 16.86
C TYR D 212 -10.63 35.74 16.67
N HIS D 213 -11.25 36.91 16.83
CA HIS D 213 -10.51 38.17 16.96
C HIS D 213 -11.01 38.83 18.24
N GLY D 214 -10.11 39.09 19.17
CA GLY D 214 -10.48 39.69 20.47
C GLY D 214 -9.27 39.60 21.37
N ALA D 215 -9.47 39.88 22.65
CA ALA D 215 -8.44 39.74 23.64
C ALA D 215 -7.95 38.30 23.64
N LYS D 216 -6.64 38.13 23.68
CA LYS D 216 -6.03 36.78 23.62
C LYS D 216 -6.50 35.85 24.73
N ASN D 218 -6.56 32.66 27.25
CA ASN D 218 -5.71 31.80 28.06
C ASN D 218 -5.93 30.37 27.64
N ARG D 219 -4.86 29.75 27.17
CA ARG D 219 -4.96 28.36 26.64
C ARG D 219 -5.24 27.30 27.70
N GLU D 220 -4.72 27.50 28.92
CA GLU D 220 -5.00 26.56 29.98
C GLU D 220 -6.50 26.55 30.36
N ALA D 221 -7.05 27.76 30.50
CA ALA D 221 -8.49 27.90 30.79
C ALA D 221 -9.31 27.24 29.70
N LEU D 222 -8.96 27.54 28.46
CA LEU D 222 -9.72 26.99 27.33
C LEU D 222 -9.68 25.45 27.33
N LEU D 223 -8.47 24.89 27.53
CA LEU D 223 -8.34 23.44 27.52
C LEU D 223 -9.08 22.79 28.72
N ARG D 224 -8.98 23.38 29.91
CA ARG D 224 -9.73 22.83 31.03
C ARG D 224 -11.25 22.87 30.76
N TYR D 225 -11.71 23.96 30.14
CA TYR D 225 -13.13 24.12 29.83
C TYR D 225 -13.58 23.02 28.86
N LEU D 226 -12.80 22.83 27.79
CA LEU D 226 -13.12 21.77 26.83
C LEU D 226 -13.12 20.36 27.44
N VAL D 227 -12.16 20.09 28.31
CA VAL D 227 -12.08 18.79 28.98
C VAL D 227 -13.22 18.59 29.97
N SER D 228 -13.80 19.69 30.47
CA SER D 228 -14.93 19.57 31.42
C SER D 228 -16.21 19.02 30.77
N PHE D 229 -16.22 18.90 29.44
CA PHE D 229 -17.35 18.25 28.75
C PHE D 229 -17.32 16.72 28.88
N ARG D 230 -16.18 16.18 29.35
CA ARG D 230 -15.81 14.74 29.25
C ARG D 230 -16.87 13.80 29.83
N GLU D 231 -17.68 14.32 30.78
N GLU D 231 -17.59 14.31 30.83
CA GLU D 231 -18.75 13.58 31.48
CA GLU D 231 -18.71 13.63 31.44
C GLU D 231 -20.16 14.20 31.27
C GLU D 231 -19.86 14.64 31.48
N HIS D 232 -20.25 15.08 30.28
CA HIS D 232 -21.42 15.94 30.06
C HIS D 232 -22.26 15.32 28.94
N ASN D 233 -23.59 15.42 29.00
N ASN D 233 -23.56 15.31 29.16
CA ASN D 233 -24.45 14.77 27.98
CA ASN D 233 -24.55 14.67 28.30
C ASN D 233 -25.27 15.74 27.08
C ASN D 233 -25.22 15.77 27.47
N GLU D 234 -24.68 16.27 26.00
N GLU D 234 -24.95 15.75 26.15
CA GLU D 234 -25.44 17.12 25.07
CA GLU D 234 -25.39 16.78 25.17
C GLU D 234 -25.12 16.66 23.67
C GLU D 234 -25.29 16.28 23.71
N PHE D 235 -26.07 16.87 22.78
CA PHE D 235 -25.89 16.59 21.33
C PHE D 235 -24.68 17.41 20.83
N HIS D 236 -23.99 16.90 19.83
CA HIS D 236 -22.84 17.59 19.22
C HIS D 236 -23.18 19.03 18.80
N GLU D 237 -24.34 19.20 18.16
CA GLU D 237 -24.75 20.51 17.63
C GLU D 237 -24.89 21.47 18.80
N GLN D 238 -25.44 20.94 19.88
CA GLN D 238 -25.64 21.72 21.09
C GLN D 238 -24.34 21.99 21.79
N CYS D 239 -23.45 21.01 21.82
N CYS D 239 -23.44 21.01 21.80
CA CYS D 239 -22.15 21.26 22.44
CA CYS D 239 -22.13 21.22 22.42
C CYS D 239 -21.47 22.45 21.75
C CYS D 239 -21.41 22.39 21.75
N VAL D 240 -21.45 22.43 20.42
CA VAL D 240 -20.81 23.50 19.65
C VAL D 240 -21.49 24.83 19.96
N GLU D 241 -22.84 24.84 20.02
CA GLU D 241 -23.53 26.10 20.34
C GLU D 241 -23.24 26.56 21.77
N ARG D 242 -23.07 25.63 22.69
CA ARG D 242 -22.70 25.98 24.08
C ARG D 242 -21.29 26.55 24.12
N ILE D 243 -20.34 25.92 23.44
CA ILE D 243 -19.00 26.45 23.41
C ILE D 243 -18.99 27.87 22.82
N PHE D 244 -19.70 28.04 21.71
CA PHE D 244 -19.76 29.35 21.05
C PHE D 244 -20.33 30.41 22.02
N THR D 245 -21.44 30.08 22.63
CA THR D 245 -22.11 31.06 23.49
C THR D 245 -21.33 31.33 24.78
N ASP D 246 -20.69 30.29 25.35
CA ASP D 246 -19.84 30.54 26.52
C ASP D 246 -18.62 31.41 26.17
N ILE D 247 -17.95 31.12 25.05
CA ILE D 247 -16.82 31.95 24.64
C ILE D 247 -17.27 33.40 24.40
N ARG D 249 -19.76 35.00 25.73
CA ARG D 249 -20.13 35.72 26.96
C ARG D 249 -18.95 35.97 27.91
N TYR D 250 -18.05 35.00 28.05
CA TYR D 250 -16.91 35.18 28.93
C TYR D 250 -15.73 35.92 28.28
N CYS D 251 -15.54 35.78 26.97
CA CYS D 251 -14.36 36.30 26.32
C CYS D 251 -14.61 37.49 25.41
N GLN D 252 -15.88 37.71 25.05
CA GLN D 252 -16.28 38.86 24.23
C GLN D 252 -15.41 39.18 23.01
N PRO D 253 -15.14 38.19 22.14
CA PRO D 253 -14.38 38.50 20.93
C PRO D 253 -15.26 39.34 19.98
N GLN D 254 -14.63 40.09 19.08
CA GLN D 254 -15.37 40.82 18.04
C GLN D 254 -15.94 39.86 16.99
N SER D 255 -15.23 38.77 16.74
CA SER D 255 -15.69 37.77 15.78
C SER D 255 -15.25 36.39 16.28
N LEU D 256 -16.04 35.37 15.92
CA LEU D 256 -15.78 34.03 16.49
C LEU D 256 -16.34 32.94 15.60
N THR D 257 -15.57 31.85 15.47
CA THR D 257 -16.06 30.65 14.78
C THR D 257 -15.70 29.48 15.64
N VAL D 258 -16.68 28.61 15.87
CA VAL D 258 -16.41 27.33 16.57
C VAL D 258 -16.85 26.20 15.65
N TYR D 259 -15.93 25.28 15.40
CA TYR D 259 -16.22 24.19 14.45
C TYR D 259 -15.71 22.89 15.04
N ALA D 260 -16.60 21.92 15.21
CA ALA D 260 -16.18 20.64 15.75
C ALA D 260 -16.45 19.54 14.73
N ARG D 261 -15.57 18.55 14.72
CA ARG D 261 -15.66 17.39 13.82
C ARG D 261 -15.60 16.14 14.69
N TYR D 262 -16.72 15.42 14.74
CA TYR D 262 -16.83 14.30 15.64
C TYR D 262 -16.64 12.98 14.88
N THR D 263 -16.16 11.95 15.56
CA THR D 263 -16.11 10.61 14.91
C THR D 263 -17.53 10.04 14.74
N ARG D 264 -17.65 9.17 13.75
CA ARG D 264 -19.00 8.65 13.38
C ARG D 264 -19.55 7.77 14.49
N ARG D 265 -20.87 7.72 14.55
CA ARG D 265 -21.61 6.76 15.36
C ARG D 265 -22.62 6.17 14.40
N GLY D 266 -22.63 4.86 14.29
CA GLY D 266 -23.60 4.24 13.40
C GLY D 266 -23.40 4.60 11.94
N GLY D 267 -22.17 4.85 11.53
CA GLY D 267 -21.88 5.03 10.11
C GLY D 267 -21.96 6.45 9.61
N LEU D 268 -22.39 7.35 10.51
N LEU D 268 -22.35 7.38 10.47
CA LEU D 268 -22.67 8.80 10.26
CA LEU D 268 -22.34 8.75 10.03
C LEU D 268 -21.82 9.68 11.16
C LEU D 268 -21.88 9.69 11.09
N ASP D 269 -21.23 10.75 10.61
CA ASP D 269 -20.65 11.77 11.49
C ASP D 269 -21.29 13.12 11.33
N ILE D 270 -21.16 13.93 12.37
N ILE D 270 -21.14 13.94 12.39
CA ILE D 270 -21.67 15.27 12.34
CA ILE D 270 -21.73 15.27 12.53
C ILE D 270 -20.53 16.22 12.66
C ILE D 270 -20.62 16.28 12.81
N ASN D 271 -20.62 17.36 12.01
CA ASN D 271 -19.58 18.38 12.07
C ASN D 271 -20.23 19.76 12.15
N PRO D 272 -20.62 20.18 13.37
CA PRO D 272 -21.31 21.45 13.49
C PRO D 272 -20.36 22.64 13.40
N PHE D 273 -20.77 23.61 12.60
CA PHE D 273 -20.01 24.83 12.34
C PHE D 273 -20.88 26.02 12.79
N ARG D 274 -20.37 26.86 13.67
CA ARG D 274 -21.13 28.02 14.16
C ARG D 274 -20.22 29.24 14.13
N SER D 275 -20.69 30.34 13.57
CA SER D 275 -19.84 31.52 13.41
C SER D 275 -20.62 32.81 13.52
N SER D 276 -19.93 33.86 13.94
CA SER D 276 -20.59 35.17 14.00
C SER D 276 -20.69 35.75 12.60
N HIS D 277 -19.82 35.32 11.69
CA HIS D 277 -19.66 35.98 10.38
C HIS D 277 -19.45 35.06 9.16
N GLN D 278 -19.01 33.82 9.36
N GLN D 278 -19.07 33.82 9.39
CA GLN D 278 -18.80 32.88 8.25
CA GLN D 278 -18.81 32.85 8.31
C GLN D 278 -19.98 31.93 8.15
C GLN D 278 -19.99 31.88 8.17
N SER D 279 -20.20 31.34 6.96
CA SER D 279 -21.35 30.44 6.72
C SER D 279 -21.05 28.93 6.81
N ALA D 280 -19.84 28.54 6.43
CA ALA D 280 -19.51 27.13 6.31
C ALA D 280 -18.01 26.97 6.21
N PRO D 281 -17.48 25.76 6.55
CA PRO D 281 -16.06 25.47 6.32
C PRO D 281 -15.84 25.33 4.81
N ASN D 282 -14.58 25.38 4.36
CA ASN D 282 -14.25 25.23 2.92
C ASN D 282 -14.52 23.86 2.31
N HIS D 283 -14.28 22.80 3.07
N HIS D 283 -14.37 22.81 3.14
CA HIS D 283 -14.47 21.45 2.55
CA HIS D 283 -14.20 21.43 2.66
C HIS D 283 -15.02 20.64 3.68
C HIS D 283 -14.67 20.48 3.74
N ASN D 284 -15.33 19.39 3.36
CA ASN D 284 -15.71 18.40 4.34
C ASN D 284 -14.67 17.27 4.31
N GLN D 285 -13.43 17.57 4.65
CA GLN D 285 -12.37 16.56 4.61
C GLN D 285 -12.23 15.92 5.98
N ARG D 286 -12.02 14.60 6.00
CA ARG D 286 -12.04 13.89 7.27
C ARG D 286 -10.76 14.08 8.02
N ALA D 288 -8.21 12.49 11.36
CA ALA D 288 -7.57 11.18 11.54
C ALA D 288 -8.51 10.11 12.13
N ARG D 289 -9.29 10.50 13.14
CA ARG D 289 -10.15 9.50 13.83
C ARG D 289 -11.50 9.34 13.13
N GLN D 290 -11.82 10.23 12.18
CA GLN D 290 -13.10 10.14 11.48
C GLN D 290 -13.12 9.06 10.40
#